data_6HA3
#
_entry.id   6HA3
#
_cell.length_a   114.070
_cell.length_b   86.090
_cell.length_c   73.210
_cell.angle_alpha   90.000
_cell.angle_beta   125.220
_cell.angle_gamma   90.000
#
_symmetry.space_group_name_H-M   'C 1 2 1'
#
loop_
_entity.id
_entity.type
_entity.pdbx_description
1 polymer Transketolase
2 non-polymer 2-C-{3-[(4-amino-2-methylpyrimidin-5-yl)methyl]-5-(2-{[(R)-hydroxy(phosphonooxy)phosphoryl]oxy}ethyl)-4-methyl-1,3-thiazol-3-ium-2-yl}-6-O-phosphono-D-glucitol
3 non-polymer 1,2-ETHANEDIOL
4 non-polymer 'SODIUM ION'
5 non-polymer 'CALCIUM ION'
6 non-polymer 'MAGNESIUM ION'
7 water water
#
_entity_poly.entity_id   1
_entity_poly.type   'polypeptide(L)'
_entity_poly.pdbx_seq_one_letter_code
;MESYHKPDQQKLQALKDTANRLRISSIQATTAAGSGHPTSCCSAAEIMAVLFFHTMRYKSQDPRNPHNDRFVLSKGHAAP
ILYAVWAEAGFLAEAELLNLRKISSDLDGHPVPKQAFTDVATGSLGQGLGAACGMAYTGKYFDKASYRVYCLLGDGELSQ
GSVWEAMAFASIYKLDNLVAILDINRLGQSDPAPLQHQMDIYQKRCEAFGWHAIIVDGHSVEELCKAFGQAKHQPTAIIA
KTFKGRGITGVEDKESWHGKPLPKNMAEQIIQEIYSQIQSKKKILATPPQEDAPSVDIANIRMPSLPSYKVGDKIATRKA
YGQALAKLGHASDRIIALDGDTKNSTFSEIFKKEHPDRFIECYIAEQNMVSIAVGCATRNRTVPFCSTFAAFFTRAFDQI
RMAAISESNINLCGSHCGVSIGEDGPSQMALEDLAMFRSVPTSTVFYPSDGVATEKAVELAANTKGICFIRTSRPENAII
YNNNEDFQVGQAKVVLKSKDDQVTVIGAGVTLHEALAAAELLKKEKINIRVLDPFTIKPLDRKLILDSARATKGRILTVE
DHYYEGGIGEAVSSAVVGEPGITVTHLAVNRVPRSGKPAELLKMFGIDRDAIAQAVRGLITKALVPRGSLEHHHHHH
;
_entity_poly.pdbx_strand_id   A
#
# COMPACT_ATOMS: atom_id res chain seq x y z
N GLU A 2 26.11 -7.69 19.40
CA GLU A 2 26.82 -8.93 19.12
C GLU A 2 27.92 -8.72 18.10
N SER A 3 29.05 -9.37 18.31
N SER A 3 29.05 -9.37 18.31
CA SER A 3 30.22 -9.14 17.49
CA SER A 3 30.23 -9.16 17.49
C SER A 3 30.03 -9.68 16.08
C SER A 3 30.03 -9.68 16.08
N TYR A 4 30.61 -8.99 15.11
CA TYR A 4 30.74 -9.50 13.75
C TYR A 4 31.55 -10.78 13.82
N HIS A 5 31.07 -11.82 13.15
CA HIS A 5 31.87 -13.04 12.98
C HIS A 5 32.58 -12.87 11.64
N LYS A 6 33.90 -12.63 11.69
CA LYS A 6 34.68 -12.43 10.47
C LYS A 6 34.89 -13.80 9.84
N PRO A 7 34.32 -14.02 8.63
CA PRO A 7 34.33 -15.36 8.02
C PRO A 7 35.72 -15.81 7.64
N ASP A 8 35.95 -17.11 7.78
CA ASP A 8 37.18 -17.72 7.28
C ASP A 8 37.02 -18.02 5.79
N GLN A 9 38.11 -18.50 5.18
CA GLN A 9 38.08 -18.76 3.75
C GLN A 9 37.04 -19.82 3.44
N GLN A 10 36.85 -20.78 4.32
N GLN A 10 36.87 -20.80 4.32
CA GLN A 10 35.90 -21.84 4.06
CA GLN A 10 35.87 -21.84 4.06
C GLN A 10 34.44 -21.34 4.10
C GLN A 10 34.46 -21.27 4.05
N LYS A 11 34.14 -20.44 5.02
CA LYS A 11 32.82 -19.80 5.03
C LYS A 11 32.62 -18.92 3.80
N LEU A 12 33.66 -18.18 3.42
CA LEU A 12 33.60 -17.39 2.19
C LEU A 12 33.37 -18.25 0.95
N GLN A 13 34.09 -19.36 0.86
CA GLN A 13 33.88 -20.27 -0.26
C GLN A 13 32.46 -20.84 -0.22
N ALA A 14 31.95 -21.17 0.95
CA ALA A 14 30.59 -21.67 1.05
C ALA A 14 29.58 -20.62 0.59
N LEU A 15 29.84 -19.35 0.89
CA LEU A 15 28.98 -18.27 0.41
C LEU A 15 29.04 -18.14 -1.13
N LYS A 16 30.24 -18.27 -1.71
CA LYS A 16 30.35 -18.31 -3.17
C LYS A 16 29.59 -19.51 -3.77
N ASP A 17 29.78 -20.68 -3.17
CA ASP A 17 29.08 -21.89 -3.61
C ASP A 17 27.57 -21.65 -3.54
N THR A 18 27.12 -21.02 -2.47
CA THR A 18 25.70 -20.70 -2.31
C THR A 18 25.24 -19.77 -3.43
N ALA A 19 25.98 -18.71 -3.67
CA ALA A 19 25.63 -17.80 -4.75
C ALA A 19 25.49 -18.53 -6.10
N ASN A 20 26.44 -19.42 -6.39
CA ASN A 20 26.36 -20.18 -7.62
C ASN A 20 25.19 -21.18 -7.66
N ARG A 21 24.88 -21.81 -6.54
CA ARG A 21 23.65 -22.61 -6.46
C ARG A 21 22.41 -21.77 -6.76
N LEU A 22 22.40 -20.54 -6.23
CA LEU A 22 21.26 -19.65 -6.48
C LEU A 22 21.15 -19.28 -7.96
N ARG A 23 22.29 -19.05 -8.61
CA ARG A 23 22.28 -18.84 -10.07
C ARG A 23 21.68 -20.03 -10.81
N ILE A 24 22.22 -21.21 -10.49
CA ILE A 24 21.73 -22.42 -11.14
C ILE A 24 20.21 -22.57 -10.98
N SER A 25 19.72 -22.39 -9.77
CA SER A 25 18.29 -22.53 -9.56
C SER A 25 17.50 -21.50 -10.35
N SER A 26 17.96 -20.25 -10.35
CA SER A 26 17.25 -19.21 -11.09
C SER A 26 17.12 -19.54 -12.58
N ILE A 27 18.22 -20.06 -13.14
CA ILE A 27 18.21 -20.52 -14.52
C ILE A 27 17.27 -21.70 -14.71
N GLN A 28 17.44 -22.74 -13.90
CA GLN A 28 16.61 -23.93 -14.04
C GLN A 28 15.13 -23.61 -13.98
N ALA A 29 14.75 -22.78 -13.02
CA ALA A 29 13.35 -22.48 -12.79
C ALA A 29 12.77 -21.69 -13.95
N THR A 30 13.49 -20.67 -14.41
CA THR A 30 12.97 -19.86 -15.50
C THR A 30 12.98 -20.61 -16.86
N THR A 31 14.00 -21.43 -17.10
CA THR A 31 13.99 -22.30 -18.29
C THR A 31 12.81 -23.28 -18.23
N ALA A 32 12.54 -23.85 -17.05
CA ALA A 32 11.40 -24.76 -16.91
C ALA A 32 10.09 -24.03 -17.18
N ALA A 33 9.95 -22.82 -16.64
CA ALA A 33 8.73 -22.07 -16.83
C ALA A 33 8.54 -21.59 -18.26
N GLY A 34 9.66 -21.30 -18.93
CA GLY A 34 9.62 -20.67 -20.24
C GLY A 34 9.51 -19.16 -20.18
N SER A 35 9.66 -18.58 -18.99
CA SER A 35 9.60 -17.13 -18.82
C SER A 35 10.24 -16.79 -17.48
N GLY A 36 10.57 -15.51 -17.30
CA GLY A 36 11.22 -15.02 -16.11
C GLY A 36 12.50 -14.29 -16.44
N HIS A 37 13.29 -14.00 -15.40
CA HIS A 37 14.31 -12.96 -15.46
C HIS A 37 15.62 -13.46 -14.86
N PRO A 38 16.20 -14.53 -15.44
CA PRO A 38 17.41 -15.07 -14.81
C PRO A 38 18.57 -14.08 -14.75
N THR A 39 18.70 -13.21 -15.74
CA THR A 39 19.83 -12.28 -15.68
C THR A 39 19.71 -11.29 -14.52
N SER A 40 18.47 -10.94 -14.14
CA SER A 40 18.20 -10.06 -13.00
C SER A 40 18.44 -10.78 -11.68
N CYS A 41 18.31 -12.10 -11.69
CA CYS A 41 18.64 -12.90 -10.54
C CYS A 41 20.15 -12.98 -10.37
N CYS A 42 20.86 -13.21 -11.47
CA CYS A 42 22.28 -13.51 -11.37
C CYS A 42 23.14 -12.35 -10.89
N SER A 43 22.74 -11.11 -11.18
CA SER A 43 23.51 -9.97 -10.67
C SER A 43 23.45 -9.89 -9.14
N ALA A 44 22.40 -10.46 -8.55
CA ALA A 44 22.14 -10.34 -7.11
C ALA A 44 22.57 -11.57 -6.32
N ALA A 45 23.23 -12.54 -6.95
CA ALA A 45 23.43 -13.84 -6.28
C ALA A 45 24.34 -13.77 -5.03
N GLU A 46 25.45 -13.04 -5.12
CA GLU A 46 26.30 -12.88 -3.95
C GLU A 46 25.59 -12.09 -2.84
N ILE A 47 24.88 -11.03 -3.23
CA ILE A 47 24.12 -10.25 -2.26
C ILE A 47 23.16 -11.16 -1.50
N MET A 48 22.40 -11.98 -2.25
CA MET A 48 21.43 -12.86 -1.61
C MET A 48 22.10 -13.88 -0.70
N ALA A 49 23.17 -14.50 -1.18
CA ALA A 49 23.88 -15.49 -0.37
C ALA A 49 24.35 -14.88 0.96
N VAL A 50 24.98 -13.72 0.86
CA VAL A 50 25.55 -13.11 2.07
C VAL A 50 24.45 -12.66 3.02
N LEU A 51 23.39 -12.05 2.49
CA LEU A 51 22.30 -11.65 3.39
C LEU A 51 21.69 -12.84 4.08
N PHE A 52 21.34 -13.87 3.33
CA PHE A 52 20.60 -14.97 3.95
C PHE A 52 21.46 -15.93 4.77
N PHE A 53 22.75 -16.01 4.48
CA PHE A 53 23.63 -17.00 5.11
C PHE A 53 24.86 -16.44 5.81
N HIS A 54 24.86 -15.13 6.06
CA HIS A 54 25.83 -14.56 6.97
C HIS A 54 25.24 -13.43 7.80
N THR A 55 24.61 -12.46 7.14
CA THR A 55 24.20 -11.23 7.82
C THR A 55 22.88 -11.33 8.58
N MET A 56 21.83 -11.79 7.93
N MET A 56 21.83 -11.80 7.91
CA MET A 56 20.50 -11.70 8.56
CA MET A 56 20.49 -11.78 8.49
C MET A 56 20.26 -12.80 9.57
C MET A 56 20.33 -12.76 9.64
N ARG A 57 19.38 -12.44 10.51
CA ARG A 57 18.98 -13.31 11.61
C ARG A 57 17.49 -13.53 11.45
N TYR A 58 17.09 -14.79 11.35
CA TYR A 58 15.69 -15.17 11.12
C TYR A 58 15.52 -16.64 11.42
N LYS A 59 14.27 -17.03 11.70
CA LYS A 59 13.89 -18.42 11.86
C LYS A 59 13.56 -19.01 10.50
N SER A 60 14.39 -19.93 10.04
CA SER A 60 14.23 -20.47 8.69
C SER A 60 12.93 -21.23 8.51
N GLN A 61 12.41 -21.80 9.59
CA GLN A 61 11.15 -22.53 9.50
C GLN A 61 9.93 -21.68 9.83
N ASP A 62 10.13 -20.40 10.14
CA ASP A 62 9.02 -19.52 10.50
C ASP A 62 9.31 -18.13 9.93
N PRO A 63 9.16 -17.98 8.60
CA PRO A 63 9.54 -16.72 7.96
C PRO A 63 8.79 -15.50 8.47
N ARG A 64 7.54 -15.64 8.91
CA ARG A 64 6.75 -14.51 9.42
C ARG A 64 7.01 -14.19 10.89
N ASN A 65 7.94 -14.90 11.53
CA ASN A 65 8.18 -14.69 12.94
C ASN A 65 8.47 -13.21 13.25
N PRO A 66 7.80 -12.64 14.27
CA PRO A 66 7.95 -11.20 14.51
C PRO A 66 9.33 -10.73 14.96
N HIS A 67 10.19 -11.67 15.38
CA HIS A 67 11.55 -11.34 15.82
C HIS A 67 12.53 -11.30 14.66
N ASN A 68 12.13 -11.81 13.50
CA ASN A 68 13.06 -11.93 12.37
C ASN A 68 13.47 -10.60 11.76
N ASP A 69 14.70 -10.51 11.28
CA ASP A 69 15.04 -9.49 10.31
C ASP A 69 14.09 -9.59 9.13
N ARG A 70 13.80 -8.46 8.50
CA ARG A 70 12.99 -8.41 7.30
C ARG A 70 13.87 -8.25 6.07
N PHE A 71 13.47 -8.92 4.99
CA PHE A 71 14.06 -8.71 3.68
C PHE A 71 12.93 -8.35 2.71
N VAL A 72 13.12 -7.28 1.97
CA VAL A 72 12.17 -6.83 0.95
C VAL A 72 12.86 -6.85 -0.42
N LEU A 73 12.32 -7.65 -1.32
CA LEU A 73 12.83 -7.72 -2.70
C LEU A 73 12.10 -6.66 -3.51
N SER A 74 12.63 -5.45 -3.55
CA SER A 74 11.95 -4.37 -4.27
C SER A 74 11.95 -4.66 -5.76
N LYS A 75 13.05 -5.22 -6.28
CA LYS A 75 13.14 -5.64 -7.69
C LYS A 75 12.51 -7.04 -7.80
N GLY A 76 11.18 -7.06 -7.75
CA GLY A 76 10.42 -8.29 -7.53
C GLY A 76 10.53 -9.33 -8.61
N HIS A 77 10.90 -8.90 -9.82
CA HIS A 77 11.11 -9.83 -10.92
C HIS A 77 12.31 -10.76 -10.70
N ALA A 78 13.11 -10.50 -9.67
CA ALA A 78 14.12 -11.47 -9.26
C ALA A 78 13.53 -12.53 -8.31
N ALA A 79 12.20 -12.66 -8.28
CA ALA A 79 11.53 -13.68 -7.47
C ALA A 79 12.21 -15.07 -7.46
N PRO A 80 12.67 -15.58 -8.62
CA PRO A 80 13.22 -16.93 -8.56
C PRO A 80 14.40 -17.07 -7.60
N ILE A 81 15.19 -16.02 -7.41
CA ILE A 81 16.31 -16.14 -6.48
C ILE A 81 15.87 -16.01 -5.02
N LEU A 82 14.78 -15.28 -4.78
CA LEU A 82 14.15 -15.28 -3.46
C LEU A 82 13.65 -16.69 -3.12
N TYR A 83 12.99 -17.33 -4.07
CA TYR A 83 12.52 -18.69 -3.82
C TYR A 83 13.70 -19.63 -3.56
N ALA A 84 14.75 -19.46 -4.35
CA ALA A 84 15.93 -20.30 -4.22
C ALA A 84 16.57 -20.15 -2.83
N VAL A 85 16.68 -18.93 -2.29
N VAL A 85 16.57 -18.94 -2.31
CA VAL A 85 17.26 -18.82 -0.94
CA VAL A 85 17.22 -18.73 -1.03
C VAL A 85 16.42 -19.51 0.10
C VAL A 85 16.41 -19.37 0.11
N TRP A 86 15.09 -19.42 -0.02
CA TRP A 86 14.23 -20.05 0.96
C TRP A 86 14.26 -21.58 0.85
N ALA A 87 14.56 -22.11 -0.33
CA ALA A 87 14.88 -23.54 -0.46
C ALA A 87 16.22 -23.86 0.18
N GLU A 88 17.22 -23.02 -0.09
CA GLU A 88 18.53 -23.23 0.49
C GLU A 88 18.46 -23.19 2.02
N ALA A 89 17.60 -22.34 2.56
CA ALA A 89 17.43 -22.23 4.01
C ALA A 89 16.64 -23.39 4.61
N GLY A 90 16.03 -24.23 3.77
CA GLY A 90 15.31 -25.41 4.22
C GLY A 90 13.81 -25.23 4.39
N PHE A 91 13.27 -24.06 4.06
CA PHE A 91 11.84 -23.82 4.22
C PHE A 91 11.01 -24.38 3.07
N LEU A 92 11.47 -24.11 1.85
N LEU A 92 11.53 -24.20 1.86
CA LEU A 92 10.86 -24.65 0.63
CA LEU A 92 10.87 -24.59 0.62
C LEU A 92 11.54 -25.92 0.20
C LEU A 92 11.54 -25.83 0.03
N ALA A 93 10.76 -26.82 -0.36
CA ALA A 93 11.30 -28.01 -1.00
C ALA A 93 12.02 -27.62 -2.29
N GLU A 94 13.21 -28.15 -2.51
N GLU A 94 13.21 -28.17 -2.48
CA GLU A 94 13.99 -27.75 -3.69
CA GLU A 94 14.01 -27.87 -3.66
C GLU A 94 13.28 -28.14 -5.01
C GLU A 94 13.25 -28.12 -4.96
N ALA A 95 12.59 -29.26 -5.04
CA ALA A 95 11.88 -29.66 -6.25
C ALA A 95 10.81 -28.64 -6.67
N GLU A 96 10.24 -27.95 -5.68
CA GLU A 96 9.15 -27.04 -5.96
C GLU A 96 9.64 -25.85 -6.77
N LEU A 97 10.93 -25.54 -6.71
CA LEU A 97 11.46 -24.38 -7.44
C LEU A 97 11.19 -24.54 -8.93
N LEU A 98 11.13 -25.79 -9.41
CA LEU A 98 10.98 -26.01 -10.83
C LEU A 98 9.55 -25.75 -11.31
N ASN A 99 8.65 -25.50 -10.35
CA ASN A 99 7.23 -25.25 -10.66
C ASN A 99 6.90 -23.76 -10.72
N LEU A 100 7.95 -22.92 -10.76
CA LEU A 100 7.82 -21.49 -10.95
C LEU A 100 6.77 -21.16 -12.00
N ARG A 101 5.88 -20.25 -11.66
CA ARG A 101 4.92 -19.64 -12.57
C ARG A 101 3.78 -20.58 -13.01
N LYS A 102 3.74 -21.79 -12.47
CA LYS A 102 2.66 -22.72 -12.79
C LYS A 102 1.39 -22.44 -11.96
N ILE A 103 0.24 -22.72 -12.55
CA ILE A 103 -1.03 -22.53 -11.87
C ILE A 103 -1.22 -23.48 -10.69
N SER A 104 -0.39 -24.53 -10.65
CA SER A 104 -0.40 -25.52 -9.58
C SER A 104 0.56 -25.18 -8.45
N SER A 105 1.25 -24.04 -8.55
CA SER A 105 2.25 -23.61 -7.59
C SER A 105 1.92 -22.25 -7.00
N ASP A 106 2.50 -21.94 -5.84
CA ASP A 106 2.46 -20.61 -5.28
C ASP A 106 3.77 -19.84 -5.50
N LEU A 107 4.68 -20.40 -6.29
CA LEU A 107 5.92 -19.70 -6.68
C LEU A 107 5.67 -18.85 -7.91
N ASP A 108 4.90 -17.80 -7.69
CA ASP A 108 4.36 -17.02 -8.81
C ASP A 108 5.43 -16.10 -9.41
N GLY A 109 5.07 -15.44 -10.50
CA GLY A 109 6.03 -14.67 -11.27
C GLY A 109 6.72 -13.56 -10.50
N HIS A 110 6.00 -12.93 -9.59
CA HIS A 110 6.55 -11.95 -8.67
C HIS A 110 6.08 -12.34 -7.25
N PRO A 111 6.77 -11.88 -6.21
CA PRO A 111 6.43 -12.36 -4.86
C PRO A 111 5.08 -11.84 -4.40
N VAL A 112 4.37 -12.65 -3.61
CA VAL A 112 3.04 -12.34 -3.12
C VAL A 112 2.89 -12.98 -1.75
N PRO A 113 2.03 -12.40 -0.89
CA PRO A 113 1.97 -12.79 0.53
C PRO A 113 1.30 -14.14 0.82
N LYS A 114 0.78 -14.83 -0.19
CA LYS A 114 0.47 -16.24 0.01
C LYS A 114 1.72 -17.06 0.31
N GLN A 115 2.89 -16.51 -0.03
CA GLN A 115 4.17 -17.08 0.38
C GLN A 115 4.52 -16.60 1.79
N ALA A 116 4.83 -17.53 2.70
CA ALA A 116 5.08 -17.14 4.09
C ALA A 116 6.24 -16.16 4.22
N PHE A 117 7.19 -16.26 3.28
CA PHE A 117 8.40 -15.46 3.30
C PHE A 117 8.24 -14.11 2.61
N THR A 118 7.02 -13.76 2.18
CA THR A 118 6.75 -12.47 1.55
C THR A 118 5.77 -11.69 2.39
N ASP A 119 6.15 -10.46 2.75
CA ASP A 119 5.26 -9.56 3.49
C ASP A 119 4.45 -8.66 2.58
N VAL A 120 5.12 -8.08 1.58
N VAL A 120 5.11 -8.18 1.53
CA VAL A 120 4.47 -7.21 0.61
CA VAL A 120 4.56 -7.18 0.61
C VAL A 120 4.75 -7.75 -0.78
C VAL A 120 4.80 -7.64 -0.83
N ALA A 121 3.75 -7.67 -1.64
CA ALA A 121 3.91 -7.98 -3.04
C ALA A 121 4.73 -6.87 -3.67
N THR A 122 5.66 -7.25 -4.53
CA THR A 122 6.33 -6.29 -5.35
C THR A 122 6.17 -6.72 -6.83
N GLY A 123 6.69 -5.93 -7.72
CA GLY A 123 6.49 -6.16 -9.12
C GLY A 123 6.25 -4.85 -9.79
N SER A 124 5.60 -3.90 -9.12
CA SER A 124 5.60 -2.52 -9.58
C SER A 124 6.82 -1.86 -8.95
N LEU A 125 7.79 -1.53 -9.77
CA LEU A 125 9.09 -1.10 -9.28
C LEU A 125 9.03 0.20 -8.52
N GLY A 126 9.91 0.32 -7.53
CA GLY A 126 10.10 1.54 -6.78
C GLY A 126 9.31 1.65 -5.49
N GLN A 127 8.61 0.58 -5.11
CA GLN A 127 7.74 0.61 -3.94
C GLN A 127 8.31 -0.11 -2.71
N GLY A 128 9.26 -1.01 -2.89
CA GLY A 128 9.73 -1.83 -1.79
C GLY A 128 10.41 -1.06 -0.69
N LEU A 129 11.15 -0.01 -1.04
CA LEU A 129 11.89 0.73 -0.03
C LEU A 129 10.94 1.46 0.92
N GLY A 130 9.83 1.96 0.41
CA GLY A 130 8.84 2.58 1.29
C GLY A 130 8.24 1.61 2.28
N ALA A 131 7.90 0.41 1.80
CA ALA A 131 7.44 -0.61 2.72
C ALA A 131 8.49 -0.93 3.76
N ALA A 132 9.74 -1.08 3.31
CA ALA A 132 10.84 -1.35 4.23
C ALA A 132 11.00 -0.25 5.27
N CYS A 133 10.82 1.00 4.86
CA CYS A 133 10.86 2.11 5.80
C CYS A 133 9.77 1.95 6.87
N GLY A 134 8.57 1.57 6.47
CA GLY A 134 7.54 1.33 7.47
C GLY A 134 7.92 0.22 8.45
N MET A 135 8.47 -0.87 7.91
CA MET A 135 8.94 -1.94 8.77
C MET A 135 10.02 -1.46 9.76
N ALA A 136 10.96 -0.69 9.25
CA ALA A 136 12.06 -0.21 10.09
C ALA A 136 11.60 0.80 11.13
N TYR A 137 10.70 1.68 10.72
CA TYR A 137 10.14 2.65 11.66
C TYR A 137 9.41 1.90 12.79
N THR A 138 8.63 0.91 12.39
CA THR A 138 7.94 0.07 13.36
C THR A 138 8.95 -0.62 14.29
N GLY A 139 9.99 -1.20 13.73
CA GLY A 139 10.99 -1.88 14.55
C GLY A 139 11.65 -0.97 15.56
N LYS A 140 12.02 0.24 15.14
CA LYS A 140 12.77 1.13 16.01
C LYS A 140 11.89 1.84 17.04
N TYR A 141 10.71 2.28 16.61
CA TYR A 141 9.88 3.17 17.43
C TYR A 141 8.64 2.55 18.06
N PHE A 142 8.10 1.48 17.47
CA PHE A 142 6.87 0.86 17.98
C PHE A 142 7.20 -0.46 18.68
N ASP A 143 7.74 -1.41 17.95
CA ASP A 143 8.20 -2.68 18.53
C ASP A 143 9.40 -2.49 19.45
N LYS A 144 10.25 -1.51 19.16
CA LYS A 144 11.49 -1.28 19.93
C LYS A 144 12.29 -2.57 20.06
N ALA A 145 12.46 -3.21 18.91
CA ALA A 145 13.07 -4.54 18.84
C ALA A 145 14.38 -4.49 18.08
N SER A 146 15.12 -5.60 18.11
CA SER A 146 16.45 -5.62 17.51
C SER A 146 16.47 -5.95 16.03
N TYR A 147 15.36 -6.35 15.44
CA TYR A 147 15.41 -6.74 14.03
C TYR A 147 15.82 -5.59 13.13
N ARG A 148 16.49 -5.94 12.05
CA ARG A 148 16.91 -5.02 11.01
C ARG A 148 16.14 -5.30 9.73
N VAL A 149 16.16 -4.34 8.82
CA VAL A 149 15.40 -4.40 7.59
C VAL A 149 16.34 -4.16 6.41
N TYR A 150 16.28 -5.09 5.45
CA TYR A 150 17.14 -5.08 4.27
C TYR A 150 16.28 -5.03 3.02
N CYS A 151 16.58 -4.10 2.11
CA CYS A 151 15.78 -3.93 0.91
C CYS A 151 16.67 -3.91 -0.31
N LEU A 152 16.44 -4.83 -1.25
CA LEU A 152 17.23 -4.94 -2.48
C LEU A 152 16.49 -4.28 -3.65
N LEU A 153 17.13 -3.30 -4.28
CA LEU A 153 16.60 -2.52 -5.39
C LEU A 153 17.44 -2.71 -6.64
N GLY A 154 16.80 -2.54 -7.79
CA GLY A 154 17.51 -2.44 -9.06
C GLY A 154 18.00 -1.03 -9.32
N ASP A 155 18.89 -0.87 -10.31
CA ASP A 155 19.37 0.46 -10.67
C ASP A 155 18.39 1.23 -11.56
N GLY A 156 17.80 0.58 -12.55
CA GLY A 156 16.72 1.22 -13.31
C GLY A 156 15.60 1.68 -12.38
N GLU A 157 15.29 0.84 -11.42
CA GLU A 157 14.27 1.11 -10.41
C GLU A 157 14.47 2.45 -9.69
N LEU A 158 15.73 2.87 -9.54
CA LEU A 158 16.05 4.11 -8.84
C LEU A 158 15.63 5.35 -9.61
N SER A 159 15.13 5.18 -10.83
CA SER A 159 14.51 6.30 -11.54
C SER A 159 13.14 6.69 -10.97
N GLN A 160 12.54 5.83 -10.16
CA GLN A 160 11.22 6.13 -9.58
C GLN A 160 11.33 7.14 -8.45
N GLY A 161 10.51 8.19 -8.55
CA GLY A 161 10.50 9.19 -7.49
C GLY A 161 10.15 8.65 -6.12
N SER A 162 9.29 7.63 -6.08
CA SER A 162 8.90 7.02 -4.81
C SER A 162 10.11 6.51 -4.03
N VAL A 163 11.15 6.06 -4.74
CA VAL A 163 12.34 5.61 -4.04
C VAL A 163 12.96 6.77 -3.27
N TRP A 164 13.03 7.94 -3.89
CA TRP A 164 13.67 9.10 -3.28
C TRP A 164 12.85 9.67 -2.13
N GLU A 165 11.52 9.56 -2.23
CA GLU A 165 10.70 9.86 -1.06
C GLU A 165 11.08 8.97 0.13
N ALA A 166 11.23 7.68 -0.14
CA ALA A 166 11.63 6.75 0.94
C ALA A 166 13.04 7.07 1.46
N MET A 167 13.97 7.38 0.57
N MET A 167 13.96 7.40 0.58
CA MET A 167 15.31 7.77 1.00
CA MET A 167 15.29 7.75 1.03
C MET A 167 15.21 8.93 2.00
C MET A 167 15.33 9.01 1.89
N ALA A 168 14.46 9.97 1.60
CA ALA A 168 14.34 11.15 2.46
C ALA A 168 13.67 10.81 3.79
N PHE A 169 12.62 10.00 3.75
CA PHE A 169 11.92 9.58 4.96
C PHE A 169 12.87 8.90 5.93
N ALA A 170 13.68 7.98 5.42
CA ALA A 170 14.57 7.22 6.27
C ALA A 170 15.59 8.11 6.97
N SER A 171 16.10 9.10 6.28
N SER A 171 16.02 9.16 6.29
N SER A 171 16.03 9.16 6.30
CA SER A 171 17.04 10.00 6.98
CA SER A 171 16.98 10.10 6.87
CA SER A 171 16.99 10.09 6.88
C SER A 171 16.32 10.97 7.96
C SER A 171 16.29 10.91 7.95
C SER A 171 16.33 10.99 7.92
N ILE A 172 15.13 11.47 7.62
CA ILE A 172 14.37 12.29 8.56
C ILE A 172 14.16 11.53 9.87
N TYR A 173 13.79 10.26 9.76
CA TYR A 173 13.42 9.46 10.89
C TYR A 173 14.54 8.57 11.42
N LYS A 174 15.75 8.79 10.93
N LYS A 174 15.77 8.83 10.99
CA LYS A 174 16.96 8.19 11.51
CA LYS A 174 16.96 8.15 11.53
C LYS A 174 16.82 6.66 11.60
C LYS A 174 16.75 6.64 11.61
N LEU A 175 16.47 6.06 10.46
CA LEU A 175 16.28 4.61 10.40
C LEU A 175 17.62 3.87 10.26
N ASP A 176 18.35 3.86 11.38
N ASP A 176 18.38 3.85 11.35
CA ASP A 176 19.67 3.25 11.41
CA ASP A 176 19.70 3.23 11.34
C ASP A 176 19.60 1.72 11.53
C ASP A 176 19.61 1.70 11.34
N ASN A 177 18.39 1.17 11.46
CA ASN A 177 18.15 -0.27 11.36
C ASN A 177 17.78 -0.71 9.95
N LEU A 178 17.92 0.19 8.98
CA LEU A 178 17.55 -0.04 7.59
C LEU A 178 18.77 -0.01 6.68
N VAL A 179 18.84 -1.00 5.79
CA VAL A 179 19.87 -1.08 4.77
C VAL A 179 19.21 -1.25 3.40
N ALA A 180 19.59 -0.38 2.46
CA ALA A 180 19.20 -0.52 1.07
C ALA A 180 20.39 -1.05 0.31
N ILE A 181 20.19 -2.11 -0.47
CA ILE A 181 21.24 -2.68 -1.31
C ILE A 181 20.84 -2.35 -2.74
N LEU A 182 21.72 -1.64 -3.44
CA LEU A 182 21.44 -1.19 -4.80
C LEU A 182 22.22 -2.10 -5.75
N ASP A 183 21.49 -2.86 -6.56
CA ASP A 183 22.11 -3.76 -7.53
C ASP A 183 22.43 -2.98 -8.81
N ILE A 184 23.61 -2.36 -8.82
CA ILE A 184 24.00 -1.48 -9.92
C ILE A 184 24.62 -2.35 -11.03
N ASN A 185 23.74 -3.02 -11.77
CA ASN A 185 24.17 -3.92 -12.84
C ASN A 185 24.16 -3.29 -14.23
N ARG A 186 24.06 -1.96 -14.26
CA ARG A 186 24.31 -1.15 -15.45
C ARG A 186 23.13 -1.01 -16.40
N LEU A 187 22.30 -2.04 -16.47
CA LEU A 187 21.27 -2.19 -17.51
C LEU A 187 19.88 -2.21 -16.92
N GLY A 188 18.95 -1.58 -17.63
CA GLY A 188 17.53 -1.73 -17.35
C GLY A 188 16.91 -2.76 -18.26
N GLN A 189 15.64 -2.58 -18.61
CA GLN A 189 14.94 -3.53 -19.46
C GLN A 189 15.29 -3.39 -20.91
N SER A 190 15.39 -2.15 -21.40
CA SER A 190 15.46 -1.90 -22.83
C SER A 190 16.58 -0.96 -23.26
N ASP A 191 17.48 -0.68 -22.31
CA ASP A 191 18.63 0.17 -22.53
C ASP A 191 19.44 0.18 -21.23
N PRO A 192 20.67 0.70 -21.29
CA PRO A 192 21.42 0.91 -20.05
C PRO A 192 20.62 1.83 -19.12
N ALA A 193 20.75 1.63 -17.81
CA ALA A 193 20.21 2.59 -16.86
C ALA A 193 20.96 3.92 -17.05
N PRO A 194 20.30 5.06 -16.77
CA PRO A 194 20.93 6.34 -17.08
C PRO A 194 22.38 6.50 -16.59
N LEU A 195 22.66 6.15 -15.33
CA LEU A 195 24.00 6.37 -14.76
C LEU A 195 24.98 5.23 -15.02
N GLN A 196 24.50 4.11 -15.57
CA GLN A 196 25.40 2.98 -15.88
C GLN A 196 26.27 2.65 -14.66
N HIS A 197 27.58 2.59 -14.84
CA HIS A 197 28.46 2.24 -13.72
C HIS A 197 29.20 3.45 -13.15
N GLN A 198 28.53 4.60 -13.18
CA GLN A 198 29.06 5.79 -12.53
C GLN A 198 28.76 5.73 -11.02
N MET A 199 29.52 4.91 -10.32
CA MET A 199 29.25 4.58 -8.92
C MET A 199 29.28 5.83 -8.05
N ASP A 200 30.17 6.75 -8.39
CA ASP A 200 30.31 7.98 -7.61
C ASP A 200 29.06 8.82 -7.60
N ILE A 201 28.33 8.83 -8.71
N ILE A 201 28.34 8.86 -8.71
CA ILE A 201 27.12 9.63 -8.76
CA ILE A 201 27.11 9.64 -8.75
C ILE A 201 26.03 9.00 -7.88
C ILE A 201 26.03 9.00 -7.86
N TYR A 202 25.90 7.68 -7.92
CA TYR A 202 24.99 7.00 -6.99
C TYR A 202 25.37 7.35 -5.55
N GLN A 203 26.66 7.31 -5.24
N GLN A 203 26.66 7.29 -5.23
CA GLN A 203 27.09 7.64 -3.89
CA GLN A 203 27.11 7.63 -3.88
C GLN A 203 26.70 9.07 -3.51
C GLN A 203 26.70 9.06 -3.51
N LYS A 204 26.95 10.01 -4.40
CA LYS A 204 26.59 11.42 -4.13
C LYS A 204 25.08 11.60 -3.92
N ARG A 205 24.26 10.93 -4.72
CA ARG A 205 22.82 11.04 -4.57
C ARG A 205 22.38 10.47 -3.22
N CYS A 206 22.90 9.29 -2.85
CA CYS A 206 22.54 8.71 -1.55
C CYS A 206 22.98 9.59 -0.39
N GLU A 207 24.21 10.10 -0.47
CA GLU A 207 24.72 10.95 0.60
C GLU A 207 23.94 12.24 0.71
N ALA A 208 23.57 12.83 -0.43
CA ALA A 208 22.81 14.09 -0.41
C ALA A 208 21.45 13.92 0.26
N PHE A 209 20.90 12.71 0.20
CA PHE A 209 19.64 12.35 0.86
C PHE A 209 19.81 11.78 2.26
N GLY A 210 21.02 11.89 2.82
CA GLY A 210 21.24 11.64 4.23
C GLY A 210 21.66 10.23 4.59
N TRP A 211 22.00 9.39 3.61
CA TRP A 211 22.39 8.02 3.89
C TRP A 211 23.90 7.87 3.97
N HIS A 212 24.33 6.92 4.77
CA HIS A 212 25.71 6.47 4.73
C HIS A 212 25.84 5.53 3.52
N ALA A 213 26.75 5.85 2.63
CA ALA A 213 26.83 5.14 1.34
C ALA A 213 28.17 4.44 1.19
N ILE A 214 28.15 3.16 0.89
CA ILE A 214 29.36 2.36 0.72
C ILE A 214 29.32 1.71 -0.65
N ILE A 215 30.32 2.00 -1.49
CA ILE A 215 30.45 1.33 -2.78
C ILE A 215 31.20 0.02 -2.57
N VAL A 216 30.66 -1.07 -3.12
CA VAL A 216 31.32 -2.38 -3.04
C VAL A 216 31.32 -3.07 -4.39
N ASP A 217 32.22 -4.04 -4.55
CA ASP A 217 32.12 -5.03 -5.60
C ASP A 217 31.00 -5.99 -5.20
N GLY A 218 29.88 -5.93 -5.91
CA GLY A 218 28.72 -6.72 -5.56
C GLY A 218 28.86 -8.21 -5.86
N HIS A 219 29.98 -8.62 -6.44
CA HIS A 219 30.28 -10.04 -6.63
C HIS A 219 31.40 -10.53 -5.72
N SER A 220 31.77 -9.74 -4.71
N SER A 220 31.84 -9.64 -4.84
CA SER A 220 32.71 -10.18 -3.68
CA SER A 220 32.83 -9.97 -3.83
C SER A 220 31.98 -10.54 -2.40
C SER A 220 32.12 -10.23 -2.53
N VAL A 221 31.90 -11.82 -2.07
N VAL A 221 32.03 -11.51 -2.17
CA VAL A 221 31.20 -12.19 -0.83
CA VAL A 221 31.45 -11.88 -0.88
C VAL A 221 31.89 -11.61 0.40
C VAL A 221 32.20 -11.17 0.24
N GLU A 222 33.22 -11.47 0.38
N GLU A 222 33.51 -11.04 0.10
CA GLU A 222 33.91 -10.93 1.54
CA GLU A 222 34.33 -10.37 1.09
C GLU A 222 33.58 -9.45 1.74
C GLU A 222 33.89 -8.91 1.31
N GLU A 223 33.61 -8.64 0.66
N GLU A 223 33.81 -8.14 0.23
CA GLU A 223 33.28 -7.21 0.79
CA GLU A 223 33.42 -6.74 0.33
C GLU A 223 31.86 -7.04 1.28
C GLU A 223 32.00 -6.58 0.87
N LEU A 224 30.96 -7.92 0.82
N LEU A 224 31.10 -7.44 0.43
CA LEU A 224 29.57 -7.85 1.25
CA LEU A 224 29.71 -7.40 0.90
C LEU A 224 29.45 -8.21 2.74
C LEU A 224 29.67 -7.65 2.40
N CYS A 225 30.09 -9.30 3.16
N CYS A 225 30.37 -8.69 2.85
CA CYS A 225 30.06 -9.64 4.57
CA CYS A 225 30.41 -8.97 4.28
C CYS A 225 30.53 -8.45 5.41
C CYS A 225 30.95 -7.76 5.05
N LYS A 226 31.64 -7.85 5.01
N LYS A 226 32.03 -7.18 4.57
CA LYS A 226 32.22 -6.75 5.78
CA LYS A 226 32.59 -5.99 5.22
C LYS A 226 31.29 -5.54 5.82
C LYS A 226 31.57 -4.85 5.27
N ALA A 227 30.75 -5.16 4.68
N ALA A 227 30.90 -4.59 4.16
CA ALA A 227 29.90 -3.98 4.57
CA ALA A 227 29.96 -3.49 4.10
C ALA A 227 28.59 -4.16 5.34
C ALA A 227 28.73 -3.67 5.00
N PHE A 228 28.02 -5.35 5.26
N PHE A 228 28.19 -4.89 5.04
CA PHE A 228 26.78 -5.65 5.98
CA PHE A 228 27.04 -5.19 5.90
C PHE A 228 27.01 -5.84 7.49
C PHE A 228 27.42 -5.24 7.38
N GLY A 229 28.27 -6.05 7.89
N GLY A 229 28.54 -5.89 7.68
CA GLY A 229 28.58 -6.40 9.26
CA GLY A 229 28.92 -6.20 9.06
C GLY A 229 28.75 -5.22 10.18
C GLY A 229 29.28 -5.00 9.90
N GLN A 230 28.82 -4.02 9.62
N GLN A 230 29.49 -3.87 9.30
CA GLN A 230 29.00 -2.78 10.38
CA GLN A 230 29.89 -2.79 10.13
C GLN A 230 27.68 -1.97 10.48
C GLN A 230 28.74 -2.17 10.85
N ALA A 231 27.09 -1.93 11.67
N ALA A 231 29.10 -1.50 11.92
CA ALA A 231 25.91 -1.09 11.90
CA ALA A 231 28.12 -0.80 12.73
C ALA A 231 26.36 0.37 11.89
C ALA A 231 27.53 0.34 11.90
N LYS A 232 25.43 1.26 11.54
N LYS A 232 26.22 0.57 12.03
CA LYS A 232 25.71 2.69 11.47
CA LYS A 232 25.53 1.60 11.26
C LYS A 232 24.67 3.47 12.25
C LYS A 232 24.93 2.66 12.21
N HIS A 233 24.86 4.78 12.33
N HIS A 233 24.81 3.90 11.72
CA HIS A 233 23.89 5.65 12.94
CA HIS A 233 24.42 5.06 12.55
C HIS A 233 23.02 6.24 11.87
C HIS A 233 23.36 6.02 11.90
N GLN A 234 23.09 5.74 10.63
CA GLN A 234 22.18 6.35 9.67
C GLN A 234 21.65 5.19 8.85
N PRO A 235 20.55 5.40 8.10
CA PRO A 235 20.23 4.41 7.07
C PRO A 235 21.45 4.25 6.14
N THR A 236 21.71 3.01 5.73
CA THR A 236 22.93 2.69 5.01
C THR A 236 22.61 2.14 3.63
N ALA A 237 23.25 2.70 2.61
CA ALA A 237 23.12 2.24 1.23
C ALA A 237 24.39 1.50 0.84
N ILE A 238 24.22 0.25 0.49
CA ILE A 238 25.31 -0.57 -0.04
C ILE A 238 25.14 -0.52 -1.55
N ILE A 239 26.06 0.17 -2.20
CA ILE A 239 25.95 0.50 -3.61
C ILE A 239 26.85 -0.51 -4.35
N ALA A 240 26.22 -1.56 -4.88
CA ALA A 240 26.95 -2.74 -5.33
C ALA A 240 27.15 -2.70 -6.83
N LYS A 241 28.40 -2.63 -7.25
CA LYS A 241 28.72 -2.70 -8.68
C LYS A 241 28.64 -4.17 -9.10
N THR A 242 27.73 -4.46 -10.01
CA THR A 242 27.50 -5.82 -10.46
C THR A 242 27.37 -5.84 -11.98
N PHE A 243 27.28 -7.05 -12.54
CA PHE A 243 27.03 -7.24 -13.96
C PHE A 243 25.75 -8.05 -14.13
N LYS A 244 24.87 -7.58 -15.01
CA LYS A 244 23.62 -8.26 -15.26
C LYS A 244 23.96 -9.61 -15.90
N GLY A 245 23.30 -10.67 -15.49
CA GLY A 245 23.65 -11.98 -15.99
C GLY A 245 25.02 -12.49 -15.55
N ARG A 246 25.53 -11.98 -14.43
CA ARG A 246 26.82 -12.41 -13.91
C ARG A 246 26.90 -13.93 -13.85
N GLY A 247 27.95 -14.48 -14.44
CA GLY A 247 28.20 -15.91 -14.35
C GLY A 247 27.68 -16.68 -15.54
N ILE A 248 26.90 -16.02 -16.41
CA ILE A 248 26.39 -16.65 -17.62
C ILE A 248 27.28 -16.20 -18.78
N THR A 249 28.18 -17.09 -19.19
N THR A 249 28.20 -17.08 -19.17
CA THR A 249 29.16 -16.72 -20.19
CA THR A 249 29.16 -16.74 -20.22
C THR A 249 28.46 -16.34 -21.47
C THR A 249 28.42 -16.31 -21.47
N GLY A 250 28.87 -15.19 -22.04
CA GLY A 250 28.29 -14.67 -23.25
C GLY A 250 27.02 -13.85 -23.08
N VAL A 251 26.46 -13.86 -21.88
CA VAL A 251 25.25 -13.09 -21.56
C VAL A 251 25.57 -11.97 -20.56
N GLU A 252 26.54 -12.22 -19.69
CA GLU A 252 26.95 -11.25 -18.69
C GLU A 252 27.24 -9.90 -19.35
N ASP A 253 26.60 -8.85 -18.83
CA ASP A 253 26.83 -7.46 -19.26
C ASP A 253 26.30 -7.14 -20.65
N LYS A 254 25.44 -8.00 -21.19
CA LYS A 254 24.88 -7.76 -22.53
C LYS A 254 23.45 -7.27 -22.48
N GLU A 255 23.12 -6.43 -23.46
N GLU A 255 23.13 -6.44 -23.47
CA GLU A 255 21.74 -6.03 -23.71
CA GLU A 255 21.75 -6.03 -23.71
C GLU A 255 20.97 -7.14 -24.43
C GLU A 255 20.96 -7.18 -24.35
N SER A 256 19.65 -6.96 -24.50
CA SER A 256 18.73 -7.86 -25.18
CA SER A 256 18.73 -7.87 -25.18
C SER A 256 18.44 -9.14 -24.40
N TRP A 257 18.74 -9.15 -23.09
CA TRP A 257 18.53 -10.34 -22.26
C TRP A 257 17.60 -10.11 -21.04
N HIS A 258 17.09 -8.89 -20.85
CA HIS A 258 16.19 -8.68 -19.73
C HIS A 258 14.89 -9.47 -19.92
N GLY A 259 14.51 -10.26 -18.92
CA GLY A 259 13.26 -10.99 -18.97
C GLY A 259 13.24 -12.06 -20.04
N LYS A 260 14.41 -12.56 -20.41
CA LYS A 260 14.52 -13.63 -21.40
C LYS A 260 15.11 -14.85 -20.73
N PRO A 261 14.40 -15.98 -20.72
CA PRO A 261 14.97 -17.22 -20.18
C PRO A 261 16.00 -17.80 -21.13
N LEU A 262 16.88 -18.64 -20.61
N LEU A 262 16.89 -18.63 -20.61
CA LEU A 262 17.79 -19.38 -21.47
CA LEU A 262 17.81 -19.37 -21.46
C LEU A 262 17.05 -20.55 -22.09
C LEU A 262 17.07 -20.56 -22.07
N PRO A 263 17.25 -20.79 -23.39
CA PRO A 263 16.67 -22.02 -23.94
CA PRO A 263 16.75 -22.02 -24.00
C PRO A 263 17.31 -23.24 -23.30
N LYS A 264 16.61 -24.37 -23.32
N LYS A 264 16.58 -24.35 -23.32
CA LYS A 264 17.09 -25.56 -22.61
CA LYS A 264 17.03 -25.58 -22.68
C LYS A 264 18.52 -25.98 -22.98
C LYS A 264 18.49 -25.95 -22.98
N ASN A 265 18.86 -25.95 -24.26
CA ASN A 265 20.20 -26.41 -24.64
C ASN A 265 21.27 -25.51 -24.01
N MET A 266 20.97 -24.22 -23.95
CA MET A 266 21.92 -23.25 -23.41
C MET A 266 21.99 -23.34 -21.89
N ALA A 267 20.82 -23.44 -21.26
CA ALA A 267 20.75 -23.63 -19.80
C ALA A 267 21.60 -24.81 -19.37
N GLU A 268 21.52 -25.93 -20.08
CA GLU A 268 22.31 -27.09 -19.69
C GLU A 268 23.82 -26.83 -19.69
N GLN A 269 24.25 -26.17 -20.75
CA GLN A 269 25.67 -25.88 -20.93
C GLN A 269 26.17 -24.88 -19.86
N ILE A 270 25.37 -23.84 -19.64
CA ILE A 270 25.73 -22.82 -18.66
C ILE A 270 25.74 -23.40 -17.24
N ILE A 271 24.69 -24.17 -16.91
CA ILE A 271 24.62 -24.78 -15.58
C ILE A 271 25.82 -25.68 -15.34
N GLN A 272 26.23 -26.48 -16.33
CA GLN A 272 27.44 -27.27 -16.15
C GLN A 272 28.64 -26.40 -15.83
N GLU A 273 28.78 -25.30 -16.56
N GLU A 273 28.80 -25.29 -16.54
CA GLU A 273 29.86 -24.33 -16.27
CA GLU A 273 29.91 -24.41 -16.21
C GLU A 273 29.82 -23.82 -14.83
C GLU A 273 29.83 -23.83 -14.80
N ILE A 274 28.65 -23.36 -14.40
CA ILE A 274 28.52 -22.82 -13.05
C ILE A 274 28.78 -23.90 -12.01
N TYR A 275 28.23 -25.08 -12.23
N TYR A 275 28.21 -25.09 -12.20
CA TYR A 275 28.38 -26.16 -11.27
CA TYR A 275 28.41 -26.19 -11.25
C TYR A 275 29.85 -26.55 -11.09
C TYR A 275 29.89 -26.48 -11.07
N SER A 276 30.62 -26.47 -12.17
CA SER A 276 32.07 -26.74 -12.09
C SER A 276 32.84 -25.82 -11.12
N GLN A 277 32.26 -24.70 -10.74
CA GLN A 277 32.89 -23.71 -9.87
CA GLN A 277 32.91 -23.75 -9.87
C GLN A 277 32.55 -23.94 -8.40
N ILE A 278 31.60 -24.83 -8.13
CA ILE A 278 31.13 -25.08 -6.77
C ILE A 278 32.02 -26.11 -6.07
N GLN A 279 32.57 -25.75 -4.92
CA GLN A 279 33.57 -26.58 -4.26
C GLN A 279 32.96 -27.61 -3.31
N SER A 280 31.82 -27.30 -2.70
CA SER A 280 31.18 -28.23 -1.76
C SER A 280 29.67 -28.11 -1.84
N LYS A 281 28.99 -29.24 -1.66
CA LYS A 281 27.53 -29.31 -1.66
C LYS A 281 26.93 -28.94 -0.31
N LYS A 282 27.74 -28.88 0.73
CA LYS A 282 27.20 -28.67 2.06
C LYS A 282 26.65 -27.24 2.18
N LYS A 283 25.43 -27.12 2.70
CA LYS A 283 24.75 -25.83 2.80
C LYS A 283 25.03 -25.18 4.14
N ILE A 284 25.09 -23.86 4.14
CA ILE A 284 25.16 -23.05 5.36
C ILE A 284 23.80 -22.98 6.01
N LEU A 285 23.74 -22.96 7.33
CA LEU A 285 22.49 -22.80 8.07
C LEU A 285 22.22 -21.33 8.44
N ALA A 286 20.94 -20.97 8.44
CA ALA A 286 20.50 -19.67 8.92
C ALA A 286 20.85 -19.53 10.40
N THR A 287 20.95 -18.30 10.86
CA THR A 287 21.17 -18.03 12.29
C THR A 287 19.95 -17.33 12.86
N PRO A 288 19.46 -17.74 14.04
CA PRO A 288 18.19 -17.21 14.55
C PRO A 288 18.32 -15.84 15.21
N PRO A 289 17.19 -15.14 15.34
CA PRO A 289 17.16 -13.79 15.89
C PRO A 289 17.06 -13.74 17.41
N GLN A 290 17.34 -12.57 17.96
N GLN A 290 17.31 -12.55 17.96
CA GLN A 290 17.01 -12.25 19.34
CA GLN A 290 16.99 -12.26 19.36
C GLN A 290 15.50 -12.04 19.43
C GLN A 290 15.50 -11.98 19.48
N GLU A 291 14.86 -12.68 20.41
CA GLU A 291 13.41 -12.66 20.50
C GLU A 291 12.89 -11.56 21.41
N ASP A 292 13.04 -10.33 20.93
CA ASP A 292 12.66 -9.17 21.71
C ASP A 292 11.51 -8.35 21.14
N ALA A 293 10.84 -8.82 20.10
CA ALA A 293 9.62 -8.14 19.67
C ALA A 293 8.53 -8.41 20.69
N PRO A 294 7.74 -7.38 21.03
CA PRO A 294 6.68 -7.54 22.04
C PRO A 294 5.45 -8.27 21.48
N SER A 295 4.58 -8.73 22.37
N SER A 295 4.59 -8.73 22.38
CA SER A 295 3.29 -9.30 21.97
CA SER A 295 3.29 -9.23 21.99
C SER A 295 2.33 -8.18 21.61
C SER A 295 2.45 -8.08 21.46
N VAL A 296 1.54 -8.39 20.56
CA VAL A 296 0.53 -7.42 20.11
C VAL A 296 -0.83 -8.08 20.28
N ASP A 297 -1.79 -7.32 20.80
CA ASP A 297 -3.15 -7.82 21.01
C ASP A 297 -3.83 -7.92 19.66
N ILE A 298 -4.75 -8.88 19.52
CA ILE A 298 -5.44 -9.10 18.25
C ILE A 298 -6.95 -8.87 18.36
N ALA A 299 -7.40 -8.45 19.52
CA ALA A 299 -8.84 -8.31 19.74
C ALA A 299 -9.45 -7.13 19.00
N ASN A 300 -10.78 -7.19 18.87
N ASN A 300 -10.77 -7.17 18.84
CA ASN A 300 -11.59 -6.09 18.36
CA ASN A 300 -11.48 -6.06 18.22
C ASN A 300 -11.20 -4.78 19.06
C ASN A 300 -11.28 -4.79 19.04
N ILE A 301 -11.19 -3.68 18.31
CA ILE A 301 -10.91 -2.37 18.88
C ILE A 301 -12.24 -1.62 18.93
N ARG A 302 -12.61 -1.16 20.12
CA ARG A 302 -13.91 -0.55 20.32
C ARG A 302 -13.76 0.88 20.81
N MET A 303 -14.59 1.78 20.29
CA MET A 303 -14.63 3.15 20.79
C MET A 303 -14.96 3.08 22.26
N PRO A 304 -14.36 3.98 23.07
CA PRO A 304 -14.59 3.91 24.51
C PRO A 304 -16.01 4.32 24.96
N SER A 305 -16.81 4.88 24.07
CA SER A 305 -18.18 5.30 24.38
C SER A 305 -18.89 5.56 23.05
N LEU A 306 -20.20 5.70 23.09
CA LEU A 306 -20.95 6.07 21.89
C LEU A 306 -20.55 7.48 21.44
N PRO A 307 -20.86 7.81 20.18
CA PRO A 307 -20.63 9.20 19.76
C PRO A 307 -21.43 10.16 20.67
N SER A 308 -20.89 11.36 20.86
CA SER A 308 -21.53 12.33 21.74
C SER A 308 -22.01 13.55 20.99
N TYR A 309 -22.35 13.39 19.72
N TYR A 309 -22.35 13.39 19.71
CA TYR A 309 -22.92 14.47 18.97
CA TYR A 309 -22.89 14.45 18.87
C TYR A 309 -24.35 14.71 19.41
C TYR A 309 -24.40 14.56 19.01
N LYS A 310 -24.93 15.79 18.92
CA LYS A 310 -26.33 16.07 19.14
C LYS A 310 -27.02 16.34 17.81
N VAL A 311 -28.18 15.70 17.58
CA VAL A 311 -28.96 15.94 16.38
C VAL A 311 -29.20 17.44 16.23
N GLY A 312 -28.89 17.96 15.04
CA GLY A 312 -29.06 19.37 14.76
C GLY A 312 -27.77 20.17 14.83
N ASP A 313 -26.80 19.68 15.58
CA ASP A 313 -25.50 20.33 15.64
C ASP A 313 -24.85 20.21 14.28
N LYS A 314 -23.98 21.15 13.94
CA LYS A 314 -23.30 21.15 12.64
C LYS A 314 -21.83 20.79 12.81
N ILE A 315 -21.33 19.87 11.98
CA ILE A 315 -19.91 19.55 11.98
C ILE A 315 -19.57 18.95 10.64
N ALA A 316 -18.40 19.30 10.12
CA ALA A 316 -17.93 18.69 8.88
C ALA A 316 -17.44 17.29 9.16
N THR A 317 -17.68 16.37 8.25
CA THR A 317 -17.21 15.02 8.49
C THR A 317 -15.67 14.95 8.54
N ARG A 318 -14.97 15.87 7.89
CA ARG A 318 -13.51 15.88 8.04
C ARG A 318 -13.08 16.10 9.50
N LYS A 319 -13.77 16.99 10.21
N LYS A 319 -13.78 16.98 10.21
CA LYS A 319 -13.45 17.23 11.61
CA LYS A 319 -13.46 17.24 11.60
C LYS A 319 -13.88 16.04 12.47
C LYS A 319 -13.89 16.06 12.49
N ALA A 320 -15.06 15.50 12.19
CA ALA A 320 -15.51 14.33 12.92
C ALA A 320 -14.51 13.18 12.76
N TYR A 321 -13.90 13.05 11.59
CA TYR A 321 -12.88 12.03 11.43
C TYR A 321 -11.74 12.19 12.42
N GLY A 322 -11.18 13.40 12.50
CA GLY A 322 -10.09 13.61 13.43
C GLY A 322 -10.47 13.34 14.87
N GLN A 323 -11.67 13.82 15.24
CA GLN A 323 -12.18 13.58 16.61
C GLN A 323 -12.30 12.07 16.86
N ALA A 324 -12.86 11.36 15.90
CA ALA A 324 -13.12 9.94 16.07
C ALA A 324 -11.81 9.15 16.12
N LEU A 325 -10.85 9.54 15.29
CA LEU A 325 -9.57 8.83 15.27
C LEU A 325 -8.83 9.04 16.58
N ALA A 326 -8.82 10.28 17.08
CA ALA A 326 -8.20 10.54 18.37
C ALA A 326 -8.89 9.72 19.48
N LYS A 327 -10.22 9.67 19.45
CA LYS A 327 -10.97 8.89 20.42
C LYS A 327 -10.58 7.42 20.34
N LEU A 328 -10.51 6.88 19.14
CA LEU A 328 -10.16 5.48 18.99
C LEU A 328 -8.73 5.22 19.48
N GLY A 329 -7.84 6.18 19.30
CA GLY A 329 -6.49 6.03 19.80
C GLY A 329 -6.36 5.83 21.31
N HIS A 330 -7.35 6.30 22.07
CA HIS A 330 -7.35 6.07 23.52
C HIS A 330 -7.79 4.66 23.85
N ALA A 331 -8.46 4.00 22.91
CA ALA A 331 -8.95 2.65 23.13
C ALA A 331 -7.89 1.60 22.89
N SER A 332 -6.98 1.87 21.97
CA SER A 332 -5.97 0.88 21.60
C SER A 332 -4.68 1.52 21.16
N ASP A 333 -3.57 1.00 21.68
CA ASP A 333 -2.26 1.45 21.27
C ASP A 333 -1.86 0.96 19.87
N ARG A 334 -2.68 0.11 19.27
CA ARG A 334 -2.36 -0.39 17.93
C ARG A 334 -2.60 0.67 16.85
N ILE A 335 -3.46 1.64 17.12
CA ILE A 335 -3.81 2.64 16.13
C ILE A 335 -2.66 3.59 15.93
N ILE A 336 -2.27 3.79 14.67
CA ILE A 336 -1.30 4.82 14.32
C ILE A 336 -1.89 5.67 13.20
N ALA A 337 -1.41 6.88 13.08
CA ALA A 337 -1.94 7.82 12.10
C ALA A 337 -0.80 8.37 11.28
N LEU A 338 -1.03 8.56 9.99
CA LEU A 338 -0.05 9.10 9.05
C LEU A 338 -0.74 10.17 8.23
N ASP A 339 -0.02 11.23 7.84
CA ASP A 339 -0.64 12.29 7.05
C ASP A 339 0.46 13.00 6.29
N GLY A 340 0.14 13.55 5.13
CA GLY A 340 1.10 14.18 4.24
C GLY A 340 1.04 15.70 4.23
N ASP A 341 1.45 16.31 5.35
CA ASP A 341 1.43 17.77 5.54
C ASP A 341 0.06 18.40 5.35
N THR A 342 -1.00 17.64 5.64
CA THR A 342 -2.36 18.17 5.60
C THR A 342 -3.12 18.00 6.92
N LYS A 343 -2.42 17.74 8.02
CA LYS A 343 -3.07 17.39 9.27
C LYS A 343 -4.01 18.47 9.82
N ASN A 344 -3.74 19.72 9.51
N ASN A 344 -3.74 19.73 9.49
CA ASN A 344 -4.62 20.79 9.96
CA ASN A 344 -4.59 20.85 9.91
C ASN A 344 -5.93 20.81 9.18
C ASN A 344 -5.80 21.08 9.00
N SER A 345 -5.91 20.29 7.95
CA SER A 345 -7.08 20.32 7.06
C SER A 345 -7.87 19.01 7.06
N THR A 346 -7.20 17.89 7.30
CA THR A 346 -7.88 16.60 7.43
C THR A 346 -8.34 16.36 8.88
N PHE A 347 -7.79 17.14 9.81
CA PHE A 347 -7.99 17.03 11.25
C PHE A 347 -7.32 15.83 11.91
N SER A 348 -6.40 15.16 11.20
CA SER A 348 -5.56 14.17 11.87
C SER A 348 -4.67 14.84 12.96
N GLU A 349 -4.53 16.16 12.91
N GLU A 349 -4.56 16.16 12.91
CA GLU A 349 -3.81 16.88 13.97
CA GLU A 349 -3.86 16.93 13.93
C GLU A 349 -4.38 16.62 15.36
C GLU A 349 -4.38 16.62 15.34
N ILE A 350 -5.67 16.32 15.45
CA ILE A 350 -6.27 16.03 16.75
C ILE A 350 -5.61 14.76 17.35
N PHE A 351 -5.49 13.74 16.51
CA PHE A 351 -4.79 12.54 16.92
C PHE A 351 -3.34 12.84 17.29
N LYS A 352 -2.63 13.64 16.48
CA LYS A 352 -1.25 14.00 16.82
C LYS A 352 -1.15 14.66 18.19
N LYS A 353 -2.07 15.57 18.49
CA LYS A 353 -2.06 16.25 19.80
C LYS A 353 -2.21 15.26 20.93
N GLU A 354 -3.14 14.32 20.79
CA GLU A 354 -3.38 13.36 21.88
C GLU A 354 -2.42 12.18 21.98
N HIS A 355 -1.88 11.74 20.84
CA HIS A 355 -1.08 10.52 20.76
C HIS A 355 0.14 10.77 19.88
N PRO A 356 0.99 11.74 20.23
CA PRO A 356 2.04 12.16 19.32
C PRO A 356 3.01 11.04 18.94
N ASP A 357 3.26 10.11 19.86
CA ASP A 357 4.23 9.04 19.62
C ASP A 357 3.76 8.06 18.52
N ARG A 358 2.46 8.11 18.20
CA ARG A 358 1.87 7.23 17.21
C ARG A 358 1.40 7.95 15.95
N PHE A 359 1.81 9.19 15.78
CA PHE A 359 1.56 9.95 14.56
C PHE A 359 2.85 9.99 13.75
N ILE A 360 2.75 9.76 12.44
CA ILE A 360 3.91 9.83 11.54
C ILE A 360 3.63 10.91 10.50
N GLU A 361 4.36 12.03 10.58
CA GLU A 361 4.32 13.05 9.55
C GLU A 361 5.08 12.53 8.33
N CYS A 362 4.38 12.40 7.22
CA CYS A 362 4.98 11.87 6.00
C CYS A 362 5.34 12.94 4.96
N TYR A 363 4.99 14.19 5.23
CA TYR A 363 5.32 15.30 4.35
C TYR A 363 4.62 15.15 3.00
N ILE A 364 4.97 15.99 2.02
CA ILE A 364 4.18 16.04 0.80
C ILE A 364 4.67 14.94 -0.15
N ALA A 365 4.20 13.73 0.10
CA ALA A 365 4.75 12.52 -0.53
C ALA A 365 3.74 11.38 -0.27
N GLU A 366 2.60 11.44 -0.97
CA GLU A 366 1.52 10.50 -0.74
C GLU A 366 1.85 9.06 -1.14
N GLN A 367 2.64 8.89 -2.20
N GLN A 367 2.64 8.89 -2.19
CA GLN A 367 3.05 7.53 -2.60
CA GLN A 367 3.09 7.55 -2.58
C GLN A 367 3.78 6.85 -1.44
C GLN A 367 3.77 6.85 -1.41
N ASN A 368 4.79 7.52 -0.92
CA ASN A 368 5.54 6.96 0.17
C ASN A 368 4.66 6.77 1.42
N MET A 369 3.76 7.71 1.71
CA MET A 369 2.91 7.56 2.88
C MET A 369 2.15 6.24 2.84
N VAL A 370 1.54 5.94 1.69
CA VAL A 370 0.80 4.68 1.58
C VAL A 370 1.72 3.48 1.83
N SER A 371 2.92 3.51 1.21
CA SER A 371 3.88 2.42 1.44
C SER A 371 4.32 2.28 2.91
N ILE A 372 4.54 3.40 3.58
CA ILE A 372 4.86 3.37 5.01
C ILE A 372 3.74 2.65 5.75
N ALA A 373 2.49 3.06 5.49
CA ALA A 373 1.36 2.41 6.15
C ALA A 373 1.34 0.89 5.90
N VAL A 374 1.54 0.49 4.65
CA VAL A 374 1.58 -0.93 4.31
C VAL A 374 2.68 -1.64 5.10
N GLY A 375 3.87 -1.03 5.15
CA GLY A 375 4.92 -1.62 5.92
C GLY A 375 4.60 -1.75 7.42
N CYS A 376 4.01 -0.71 7.98
CA CYS A 376 3.63 -0.72 9.39
C CYS A 376 2.58 -1.78 9.70
N ALA A 377 1.69 -2.07 8.74
CA ALA A 377 0.65 -3.09 8.94
C ALA A 377 1.16 -4.52 8.80
N THR A 378 2.33 -4.71 8.20
CA THR A 378 2.80 -6.07 8.00
C THR A 378 2.97 -6.77 9.33
N ARG A 379 2.72 -8.09 9.30
CA ARG A 379 2.76 -8.93 10.50
C ARG A 379 1.84 -8.39 11.60
N ASN A 380 0.83 -7.62 11.21
CA ASN A 380 -0.19 -7.11 12.12
C ASN A 380 0.39 -6.27 13.28
N ARG A 381 1.51 -5.58 13.03
CA ARG A 381 2.17 -4.87 14.12
C ARG A 381 1.43 -3.61 14.54
N THR A 382 0.70 -2.97 13.62
CA THR A 382 -0.07 -1.77 13.89
C THR A 382 -1.33 -1.80 13.02
N VAL A 383 -2.24 -0.89 13.32
CA VAL A 383 -3.47 -0.65 12.57
C VAL A 383 -3.40 0.82 12.07
N PRO A 384 -2.90 1.03 10.84
N PRO A 384 -2.96 1.03 10.83
CA PRO A 384 -2.67 2.39 10.35
CA PRO A 384 -2.69 2.39 10.39
C PRO A 384 -3.89 3.07 9.75
C PRO A 384 -3.84 3.09 9.69
N PHE A 385 -3.97 4.38 9.99
CA PHE A 385 -4.92 5.27 9.33
C PHE A 385 -4.13 6.39 8.69
N CYS A 386 -4.07 6.41 7.36
N CYS A 386 -4.09 6.39 7.35
N CYS A 386 -4.25 6.46 7.38
CA CYS A 386 -3.38 7.48 6.67
CA CYS A 386 -3.47 7.45 6.57
CA CYS A 386 -3.49 7.37 6.55
C CYS A 386 -4.39 8.43 6.02
C CYS A 386 -4.50 8.47 6.14
C CYS A 386 -4.44 8.42 5.96
N SER A 387 -4.08 9.72 6.03
CA SER A 387 -5.00 10.74 5.55
C SER A 387 -4.31 11.80 4.72
N THR A 388 -5.08 12.32 3.78
CA THR A 388 -4.76 13.46 2.93
C THR A 388 -6.08 13.87 2.29
N PHE A 389 -6.03 14.79 1.33
CA PHE A 389 -7.21 15.07 0.52
C PHE A 389 -7.46 13.86 -0.38
N ALA A 390 -8.71 13.47 -0.57
CA ALA A 390 -9.00 12.31 -1.41
C ALA A 390 -8.40 12.48 -2.82
N ALA A 391 -8.39 13.71 -3.35
CA ALA A 391 -7.82 13.93 -4.67
C ALA A 391 -6.38 13.42 -4.76
N PHE A 392 -5.63 13.63 -3.68
CA PHE A 392 -4.22 13.30 -3.71
C PHE A 392 -3.95 11.83 -3.45
N PHE A 393 -4.99 11.05 -3.09
CA PHE A 393 -4.77 9.62 -3.11
C PHE A 393 -4.60 9.11 -4.55
N THR A 394 -5.01 9.91 -5.55
CA THR A 394 -4.74 9.48 -6.94
C THR A 394 -3.23 9.41 -7.20
N ARG A 395 -2.44 10.19 -6.46
N ARG A 395 -2.43 10.15 -6.42
CA ARG A 395 -0.99 10.17 -6.60
CA ARG A 395 -0.99 10.14 -6.60
C ARG A 395 -0.40 8.84 -6.13
C ARG A 395 -0.45 8.77 -6.21
N ALA A 396 -1.17 8.09 -5.33
CA ALA A 396 -0.70 6.85 -4.72
C ALA A 396 -1.48 5.64 -5.22
N PHE A 397 -2.17 5.75 -6.35
CA PHE A 397 -3.03 4.63 -6.79
C PHE A 397 -2.23 3.35 -7.01
N ASP A 398 -1.02 3.41 -7.59
CA ASP A 398 -0.25 2.17 -7.80
C ASP A 398 0.13 1.55 -6.46
N GLN A 399 0.46 2.38 -5.46
CA GLN A 399 0.75 1.85 -4.13
C GLN A 399 -0.49 1.19 -3.52
N ILE A 400 -1.65 1.82 -3.73
CA ILE A 400 -2.92 1.25 -3.22
C ILE A 400 -3.26 -0.06 -3.94
N ARG A 401 -3.07 -0.08 -5.28
CA ARG A 401 -3.28 -1.26 -6.09
C ARG A 401 -2.40 -2.40 -5.60
N MET A 402 -1.12 -2.13 -5.40
CA MET A 402 -0.19 -3.12 -4.90
C MET A 402 -0.49 -3.50 -3.44
N ALA A 403 -1.07 -2.60 -2.66
CA ALA A 403 -1.43 -2.92 -1.29
C ALA A 403 -2.49 -4.03 -1.28
N ALA A 404 -3.44 -3.98 -2.22
CA ALA A 404 -4.46 -5.05 -2.31
C ALA A 404 -3.82 -6.38 -2.75
N ILE A 405 -2.88 -6.31 -3.70
CA ILE A 405 -2.13 -7.50 -4.11
C ILE A 405 -1.32 -8.06 -2.91
N SER A 406 -0.93 -7.15 -2.02
CA SER A 406 -0.21 -7.48 -0.79
C SER A 406 -1.13 -7.93 0.34
N GLU A 407 -2.43 -8.01 0.09
CA GLU A 407 -3.41 -8.40 1.11
C GLU A 407 -3.26 -7.53 2.36
N SER A 408 -2.98 -6.25 2.16
CA SER A 408 -2.70 -5.34 3.27
C SER A 408 -3.98 -4.86 3.93
N ASN A 409 -3.90 -4.70 5.24
CA ASN A 409 -4.99 -4.09 6.03
C ASN A 409 -4.60 -2.67 6.41
N ILE A 410 -4.91 -1.72 5.54
CA ILE A 410 -4.67 -0.31 5.82
C ILE A 410 -5.96 0.46 5.70
N ASN A 411 -6.03 1.58 6.39
CA ASN A 411 -7.18 2.47 6.39
C ASN A 411 -6.74 3.81 5.83
N LEU A 412 -7.53 4.34 4.91
N LEU A 412 -7.50 4.30 4.86
CA LEU A 412 -7.21 5.58 4.19
CA LEU A 412 -7.22 5.57 4.20
C LEU A 412 -8.41 6.50 4.29
C LEU A 412 -8.43 6.47 4.41
N CYS A 413 -8.19 7.71 4.76
CA CYS A 413 -9.26 8.69 4.86
C CYS A 413 -8.88 9.86 3.98
N GLY A 414 -9.71 10.12 2.99
CA GLY A 414 -9.50 11.22 2.05
C GLY A 414 -10.57 12.27 2.23
N SER A 415 -10.14 13.51 2.50
CA SER A 415 -11.04 14.63 2.75
C SER A 415 -11.28 15.46 1.50
N HIS A 416 -12.04 16.54 1.65
CA HIS A 416 -12.13 17.51 0.58
C HIS A 416 -12.73 16.93 -0.69
N CYS A 417 -13.72 16.07 -0.52
CA CYS A 417 -14.30 15.46 -1.68
C CYS A 417 -15.26 16.39 -2.40
N GLY A 418 -15.27 16.28 -3.73
CA GLY A 418 -16.29 16.94 -4.52
C GLY A 418 -16.15 18.45 -4.71
N VAL A 419 -17.09 19.02 -5.45
CA VAL A 419 -17.11 20.45 -5.67
C VAL A 419 -17.46 21.22 -4.41
N SER A 420 -18.01 20.55 -3.40
CA SER A 420 -18.47 21.28 -2.23
C SER A 420 -17.34 21.92 -1.41
N ILE A 421 -16.07 21.66 -1.74
CA ILE A 421 -15.00 22.41 -1.10
C ILE A 421 -15.03 23.88 -1.50
N GLY A 422 -15.59 24.20 -2.65
CA GLY A 422 -15.68 25.58 -3.10
C GLY A 422 -14.41 26.14 -3.75
N GLU A 423 -13.83 27.14 -3.10
CA GLU A 423 -13.01 28.10 -3.81
C GLU A 423 -11.65 27.62 -4.28
N ASP A 424 -11.09 26.58 -3.67
CA ASP A 424 -9.78 26.11 -4.15
C ASP A 424 -9.81 25.62 -5.61
N GLY A 425 -10.96 25.14 -6.09
CA GLY A 425 -11.06 24.69 -7.46
C GLY A 425 -10.68 23.22 -7.63
N PRO A 426 -10.69 22.76 -8.90
CA PRO A 426 -10.71 21.32 -9.19
C PRO A 426 -9.43 20.57 -8.82
N SER A 427 -8.29 21.23 -8.79
CA SER A 427 -7.07 20.52 -8.41
C SER A 427 -7.18 19.85 -7.04
N GLN A 428 -8.00 20.41 -6.16
N GLN A 428 -7.99 20.40 -6.14
CA GLN A 428 -8.17 19.92 -4.81
CA GLN A 428 -8.17 19.84 -4.80
C GLN A 428 -9.43 19.07 -4.62
C GLN A 428 -9.39 18.93 -4.67
N MET A 429 -10.25 18.93 -5.69
CA MET A 429 -11.56 18.29 -5.59
C MET A 429 -11.49 16.82 -5.96
N ALA A 430 -11.82 15.92 -5.04
CA ALA A 430 -11.87 14.49 -5.37
C ALA A 430 -13.18 14.21 -6.09
N LEU A 431 -13.07 13.78 -7.36
CA LEU A 431 -14.23 13.53 -8.20
C LEU A 431 -14.15 12.16 -8.88
N GLU A 432 -13.10 11.40 -8.54
CA GLU A 432 -12.77 10.12 -9.15
C GLU A 432 -12.34 9.10 -8.10
N ASP A 433 -12.41 9.47 -6.84
CA ASP A 433 -11.97 8.60 -5.76
C ASP A 433 -12.88 7.41 -5.52
N LEU A 434 -14.18 7.54 -5.77
CA LEU A 434 -15.05 6.39 -5.64
C LEU A 434 -14.74 5.41 -6.77
N ALA A 435 -14.54 5.90 -7.98
CA ALA A 435 -14.12 5.03 -9.07
C ALA A 435 -12.84 4.30 -8.72
N MET A 436 -11.86 5.06 -8.23
CA MET A 436 -10.56 4.50 -7.94
C MET A 436 -10.67 3.43 -6.84
N PHE A 437 -11.23 3.79 -5.69
CA PHE A 437 -11.27 2.83 -4.59
C PHE A 437 -12.23 1.68 -4.84
N ARG A 438 -13.34 1.89 -5.55
CA ARG A 438 -14.21 0.74 -5.86
C ARG A 438 -13.49 -0.31 -6.71
N SER A 439 -12.54 0.12 -7.55
CA SER A 439 -11.79 -0.79 -8.41
C SER A 439 -10.71 -1.59 -7.70
N VAL A 440 -10.47 -1.29 -6.43
CA VAL A 440 -9.46 -1.99 -5.66
C VAL A 440 -10.14 -3.23 -5.03
N PRO A 441 -9.59 -4.42 -5.33
N PRO A 441 -9.72 -4.45 -5.39
CA PRO A 441 -9.99 -5.64 -4.63
CA PRO A 441 -10.60 -5.63 -5.12
C PRO A 441 -9.75 -5.51 -3.14
C PRO A 441 -10.90 -5.92 -3.66
N THR A 442 -10.66 -6.11 -2.40
N THR A 442 -10.03 -5.49 -2.75
CA THR A 442 -10.70 -6.05 -0.96
CA THR A 442 -10.20 -5.80 -1.34
C THR A 442 -11.16 -4.69 -0.43
C THR A 442 -10.81 -4.63 -0.57
N SER A 443 -11.42 -3.67 -1.27
CA SER A 443 -11.81 -2.42 -0.65
C SER A 443 -13.19 -2.44 -0.01
N THR A 444 -13.32 -1.64 1.04
CA THR A 444 -14.58 -1.24 1.63
C THR A 444 -14.58 0.28 1.59
N VAL A 445 -15.65 0.84 1.03
CA VAL A 445 -15.73 2.28 0.82
C VAL A 445 -16.84 2.88 1.67
N PHE A 446 -16.44 3.63 2.69
CA PHE A 446 -17.36 4.31 3.57
C PHE A 446 -17.52 5.77 3.12
N TYR A 447 -18.75 6.25 3.10
CA TYR A 447 -19.02 7.65 2.74
C TYR A 447 -19.98 8.19 3.80
N PRO A 448 -19.43 8.56 4.97
CA PRO A 448 -20.29 8.98 6.08
C PRO A 448 -20.92 10.34 5.81
N SER A 449 -22.20 10.48 6.18
CA SER A 449 -22.91 11.70 5.84
C SER A 449 -23.03 12.70 6.98
N ASP A 450 -22.72 12.28 8.19
CA ASP A 450 -22.68 13.20 9.33
C ASP A 450 -21.65 12.72 10.34
N GLY A 451 -21.47 13.47 11.41
CA GLY A 451 -20.47 13.13 12.40
C GLY A 451 -20.63 11.78 13.08
N VAL A 452 -21.88 11.40 13.36
CA VAL A 452 -22.15 10.10 13.96
C VAL A 452 -21.70 8.97 13.03
N ALA A 453 -22.16 9.03 11.78
CA ALA A 453 -21.76 8.03 10.80
C ALA A 453 -20.24 7.99 10.63
N THR A 454 -19.60 9.15 10.72
CA THR A 454 -18.14 9.21 10.56
C THR A 454 -17.45 8.44 11.69
N GLU A 455 -17.88 8.71 12.92
CA GLU A 455 -17.27 7.99 14.03
C GLU A 455 -17.49 6.46 13.93
N LYS A 456 -18.70 6.08 13.52
CA LYS A 456 -18.96 4.65 13.34
C LYS A 456 -18.13 4.06 12.19
N ALA A 457 -17.92 4.83 11.12
CA ALA A 457 -17.10 4.37 10.01
C ALA A 457 -15.65 4.14 10.45
N VAL A 458 -15.12 5.05 11.27
CA VAL A 458 -13.77 4.88 11.77
C VAL A 458 -13.64 3.59 12.58
N GLU A 459 -14.60 3.39 13.50
CA GLU A 459 -14.57 2.17 14.29
C GLU A 459 -14.68 0.90 13.45
N LEU A 460 -15.66 0.87 12.54
CA LEU A 460 -15.81 -0.28 11.66
C LEU A 460 -14.56 -0.52 10.82
N ALA A 461 -14.00 0.54 10.25
CA ALA A 461 -12.82 0.41 9.41
C ALA A 461 -11.70 -0.24 10.21
N ALA A 462 -11.49 0.22 11.44
CA ALA A 462 -10.41 -0.36 12.23
C ALA A 462 -10.48 -1.88 12.35
N ASN A 463 -11.70 -2.42 12.36
CA ASN A 463 -11.93 -3.84 12.55
C ASN A 463 -12.24 -4.61 11.28
N THR A 464 -12.03 -3.97 10.13
CA THR A 464 -12.33 -4.57 8.83
C THR A 464 -11.02 -4.81 8.07
N LYS A 465 -10.85 -6.02 7.55
CA LYS A 465 -9.71 -6.34 6.73
C LYS A 465 -9.78 -5.69 5.35
N GLY A 466 -8.61 -5.55 4.73
CA GLY A 466 -8.52 -5.05 3.37
C GLY A 466 -8.27 -3.55 3.27
N ILE A 467 -8.49 -2.99 2.09
CA ILE A 467 -8.24 -1.57 1.90
C ILE A 467 -9.51 -0.79 2.25
N CYS A 468 -9.54 -0.16 3.44
CA CYS A 468 -10.70 0.62 3.86
C CYS A 468 -10.48 2.08 3.49
N PHE A 469 -11.46 2.66 2.81
CA PHE A 469 -11.44 4.07 2.44
C PHE A 469 -12.63 4.77 3.08
N ILE A 470 -12.35 5.92 3.70
CA ILE A 470 -13.39 6.79 4.28
C ILE A 470 -13.32 8.13 3.58
N ARG A 471 -14.44 8.51 2.93
CA ARG A 471 -14.53 9.75 2.17
C ARG A 471 -15.13 10.83 3.06
N THR A 472 -14.34 11.85 3.40
CA THR A 472 -14.83 12.95 4.23
C THR A 472 -14.97 14.24 3.42
N SER A 473 -15.68 15.19 4.03
CA SER A 473 -16.21 16.36 3.36
C SER A 473 -15.90 17.61 4.13
N ARG A 474 -15.83 18.72 3.40
N ARG A 474 -15.86 18.73 3.41
CA ARG A 474 -15.48 20.02 3.97
CA ARG A 474 -15.49 20.02 3.99
C ARG A 474 -16.65 20.78 4.61
C ARG A 474 -16.65 20.80 4.61
N PRO A 475 -17.84 20.81 3.99
CA PRO A 475 -18.93 21.59 4.59
C PRO A 475 -19.40 21.10 5.93
N GLU A 476 -19.73 22.02 6.80
N GLU A 476 -19.93 22.01 6.73
CA GLU A 476 -20.40 21.66 8.02
CA GLU A 476 -20.45 21.70 8.07
C GLU A 476 -21.80 21.26 7.59
C GLU A 476 -21.95 21.35 8.08
N ASN A 477 -22.25 20.09 8.02
N ASN A 477 -22.26 20.10 7.78
CA ASN A 477 -23.64 19.68 7.81
CA ASN A 477 -23.65 19.64 7.71
C ASN A 477 -24.21 19.23 9.13
C ASN A 477 -24.21 19.24 9.09
N ALA A 478 -25.53 19.23 9.20
CA ALA A 478 -26.20 18.85 10.43
C ALA A 478 -26.01 17.37 10.80
N ILE A 479 -25.90 17.10 12.09
CA ILE A 479 -26.07 15.76 12.60
C ILE A 479 -27.53 15.35 12.41
N ILE A 480 -27.74 14.21 11.78
CA ILE A 480 -29.09 13.68 11.55
C ILE A 480 -29.37 12.38 12.28
N TYR A 481 -28.33 11.65 12.65
CA TYR A 481 -28.48 10.37 13.33
C TYR A 481 -28.42 10.49 14.85
N ASN A 482 -29.27 9.74 15.53
CA ASN A 482 -29.11 9.54 16.97
C ASN A 482 -27.76 8.87 17.23
N ASN A 483 -27.15 9.21 18.36
N ASN A 483 -27.09 9.18 18.32
CA ASN A 483 -25.82 8.70 18.74
CA ASN A 483 -25.75 8.64 18.47
C ASN A 483 -25.78 7.18 18.82
C ASN A 483 -25.75 7.16 18.90
N ASN A 484 -26.92 6.59 19.19
CA ASN A 484 -27.03 5.16 19.41
C ASN A 484 -27.57 4.39 18.20
N GLU A 485 -27.60 5.05 17.04
CA GLU A 485 -27.95 4.38 15.78
C GLU A 485 -26.90 3.33 15.45
N ASP A 486 -27.33 2.12 15.14
CA ASP A 486 -26.39 1.05 14.85
C ASP A 486 -25.98 1.10 13.37
N PHE A 487 -24.68 1.01 13.12
CA PHE A 487 -24.14 1.06 11.75
C PHE A 487 -23.37 -0.22 11.46
N GLN A 488 -23.49 -0.69 10.22
CA GLN A 488 -22.79 -1.88 9.80
C GLN A 488 -22.32 -1.73 8.35
N VAL A 489 -21.21 -2.37 8.01
CA VAL A 489 -20.76 -2.42 6.62
C VAL A 489 -21.86 -3.03 5.75
N GLY A 490 -22.20 -2.40 4.63
CA GLY A 490 -23.18 -2.98 3.72
C GLY A 490 -24.62 -2.70 4.09
N GLN A 491 -24.84 -1.87 5.11
CA GLN A 491 -26.18 -1.53 5.57
C GLN A 491 -26.41 -0.05 5.38
N ALA A 492 -27.39 0.28 4.54
CA ALA A 492 -27.79 1.65 4.27
C ALA A 492 -28.84 2.09 5.30
N LYS A 493 -29.24 3.36 5.24
CA LYS A 493 -30.25 3.91 6.12
C LYS A 493 -31.28 4.70 5.31
N VAL A 494 -32.55 4.47 5.58
CA VAL A 494 -33.60 5.34 5.06
C VAL A 494 -33.77 6.47 6.07
N VAL A 495 -33.44 7.69 5.65
CA VAL A 495 -33.46 8.84 6.54
C VAL A 495 -34.70 9.73 6.43
N LEU A 496 -35.53 9.48 5.42
CA LEU A 496 -36.82 10.15 5.26
C LEU A 496 -37.74 9.21 4.51
N LYS A 497 -38.94 8.99 5.03
CA LYS A 497 -39.92 8.19 4.31
C LYS A 497 -41.35 8.56 4.69
N SER A 498 -42.27 8.23 3.79
CA SER A 498 -43.70 8.38 4.00
C SER A 498 -44.37 7.34 3.12
N LYS A 499 -45.63 7.04 3.36
CA LYS A 499 -46.26 5.98 2.57
C LYS A 499 -46.47 6.38 1.10
N ASP A 500 -46.53 7.68 0.84
CA ASP A 500 -46.79 8.16 -0.51
C ASP A 500 -45.55 8.71 -1.22
N ASP A 501 -44.39 8.10 -0.97
CA ASP A 501 -43.15 8.53 -1.59
C ASP A 501 -43.16 8.23 -3.08
N GLN A 502 -42.73 9.20 -3.88
N GLN A 502 -42.72 9.17 -3.91
CA GLN A 502 -42.86 9.15 -5.33
CA GLN A 502 -42.79 8.99 -5.35
C GLN A 502 -41.57 8.73 -6.00
C GLN A 502 -41.45 8.65 -6.01
N VAL A 503 -40.48 8.77 -5.27
N VAL A 503 -40.35 8.97 -5.34
CA VAL A 503 -39.17 8.34 -5.77
CA VAL A 503 -39.01 8.63 -5.84
C VAL A 503 -38.27 8.12 -4.58
C VAL A 503 -38.15 8.27 -4.63
N THR A 504 -37.26 7.27 -4.77
CA THR A 504 -36.22 7.02 -3.80
C THR A 504 -34.99 7.78 -4.26
N VAL A 505 -34.58 8.75 -3.47
CA VAL A 505 -33.40 9.56 -3.78
C VAL A 505 -32.25 9.10 -2.90
N ILE A 506 -31.16 8.68 -3.55
CA ILE A 506 -29.96 8.19 -2.91
C ILE A 506 -28.91 9.29 -3.02
N GLY A 507 -28.48 9.78 -1.86
CA GLY A 507 -27.41 10.77 -1.79
C GLY A 507 -26.42 10.37 -0.72
N ALA A 508 -25.32 11.08 -0.61
CA ALA A 508 -24.29 10.77 0.38
C ALA A 508 -23.51 12.05 0.65
N GLY A 509 -23.05 12.21 1.88
CA GLY A 509 -22.36 13.44 2.22
C GLY A 509 -23.21 14.65 1.89
N VAL A 510 -22.62 15.64 1.26
N VAL A 510 -22.60 15.63 1.26
CA VAL A 510 -23.37 16.86 1.00
CA VAL A 510 -23.28 16.87 0.94
C VAL A 510 -24.61 16.65 0.14
C VAL A 510 -24.59 16.62 0.18
N THR A 511 -24.61 15.67 -0.75
CA THR A 511 -25.80 15.47 -1.54
C THR A 511 -26.91 14.78 -0.76
N LEU A 512 -26.61 14.12 0.36
CA LEU A 512 -27.69 13.60 1.20
C LEU A 512 -28.42 14.79 1.82
N HIS A 513 -27.66 15.78 2.27
CA HIS A 513 -28.25 16.97 2.86
C HIS A 513 -28.97 17.81 1.82
N GLU A 514 -28.46 17.86 0.60
CA GLU A 514 -29.20 18.52 -0.48
C GLU A 514 -30.50 17.79 -0.79
N ALA A 515 -30.49 16.45 -0.70
CA ALA A 515 -31.71 15.68 -0.94
C ALA A 515 -32.75 15.96 0.13
N LEU A 516 -32.31 16.06 1.38
CA LEU A 516 -33.23 16.38 2.45
C LEU A 516 -33.81 17.79 2.25
N ALA A 517 -33.00 18.73 1.78
CA ALA A 517 -33.49 20.08 1.50
C ALA A 517 -34.44 20.07 0.30
N ALA A 518 -34.19 19.21 -0.68
CA ALA A 518 -35.09 19.05 -1.81
C ALA A 518 -36.44 18.51 -1.36
N ALA A 519 -36.43 17.56 -0.43
CA ALA A 519 -37.68 17.01 0.10
C ALA A 519 -38.50 18.11 0.71
N GLU A 520 -37.88 19.04 1.41
CA GLU A 520 -38.61 20.13 2.03
C GLU A 520 -39.21 21.05 0.99
N LEU A 521 -38.47 21.30 -0.09
CA LEU A 521 -38.97 22.11 -1.21
C LEU A 521 -40.17 21.45 -1.87
N LEU A 522 -40.08 20.13 -2.05
CA LEU A 522 -41.11 19.37 -2.74
C LEU A 522 -42.39 19.20 -1.93
N LYS A 523 -42.28 19.17 -0.61
CA LYS A 523 -43.46 19.01 0.23
C LYS A 523 -44.42 20.17 -0.02
N LYS A 524 -43.85 21.31 -0.38
CA LYS A 524 -44.68 22.47 -0.68
C LYS A 524 -45.56 22.22 -1.91
N GLU A 525 -45.16 21.25 -2.72
CA GLU A 525 -45.88 20.87 -3.92
C GLU A 525 -46.63 19.55 -3.71
N LYS A 526 -46.69 19.12 -2.45
CA LYS A 526 -47.34 17.87 -2.08
C LYS A 526 -46.68 16.66 -2.75
N ILE A 527 -45.37 16.74 -2.93
CA ILE A 527 -44.57 15.62 -3.40
C ILE A 527 -43.65 15.16 -2.28
N ASN A 528 -43.79 13.89 -1.88
CA ASN A 528 -42.88 13.25 -0.93
C ASN A 528 -41.86 12.38 -1.62
N ILE A 529 -40.63 12.42 -1.12
CA ILE A 529 -39.57 11.53 -1.60
C ILE A 529 -38.96 10.73 -0.44
N ARG A 530 -38.58 9.49 -0.73
CA ARG A 530 -37.83 8.66 0.19
C ARG A 530 -36.36 9.03 0.02
N VAL A 531 -35.64 9.22 1.10
CA VAL A 531 -34.21 9.56 1.02
C VAL A 531 -33.40 8.47 1.69
N LEU A 532 -32.40 7.96 0.98
CA LEU A 532 -31.59 6.84 1.41
C LEU A 532 -30.11 7.21 1.42
N ASP A 533 -29.43 6.89 2.53
CA ASP A 533 -28.00 7.16 2.76
C ASP A 533 -27.28 5.81 2.71
N PRO A 534 -26.42 5.58 1.68
CA PRO A 534 -25.83 4.24 1.55
C PRO A 534 -24.94 3.79 2.69
N PHE A 535 -24.25 4.74 3.31
CA PHE A 535 -23.25 4.51 4.36
C PHE A 535 -21.97 3.89 3.79
N THR A 536 -22.07 2.67 3.27
CA THR A 536 -21.00 2.15 2.42
C THR A 536 -21.42 2.13 0.95
N ILE A 537 -20.53 2.65 0.10
CA ILE A 537 -20.75 2.58 -1.34
C ILE A 537 -20.35 1.19 -1.85
N LYS A 538 -19.38 0.59 -1.18
CA LYS A 538 -18.93 -0.78 -1.47
C LYS A 538 -18.67 -1.44 -0.13
N PRO A 539 -19.42 -2.50 0.20
CA PRO A 539 -20.54 -3.09 -0.54
C PRO A 539 -21.81 -2.25 -0.41
N LEU A 540 -22.68 -2.36 -1.40
N LEU A 540 -22.64 -2.26 -1.45
CA LEU A 540 -23.90 -1.58 -1.47
CA LEU A 540 -23.94 -1.62 -1.42
C LEU A 540 -25.09 -2.41 -0.97
C LEU A 540 -24.95 -2.48 -0.70
N ASP A 541 -25.93 -1.81 -0.13
CA ASP A 541 -27.12 -2.45 0.42
C ASP A 541 -28.17 -2.55 -0.67
N ARG A 542 -27.99 -3.53 -1.55
CA ARG A 542 -28.89 -3.74 -2.68
C ARG A 542 -30.32 -4.00 -2.22
N LYS A 543 -30.47 -4.78 -1.16
CA LYS A 543 -31.79 -5.15 -0.69
C LYS A 543 -32.59 -3.90 -0.26
N LEU A 544 -32.00 -3.05 0.57
CA LEU A 544 -32.73 -1.88 1.03
C LEU A 544 -33.01 -0.92 -0.13
N ILE A 545 -32.07 -0.80 -1.06
CA ILE A 545 -32.28 0.04 -2.23
C ILE A 545 -33.48 -0.46 -3.04
N LEU A 546 -33.52 -1.76 -3.29
CA LEU A 546 -34.63 -2.33 -4.04
C LEU A 546 -35.96 -2.26 -3.29
N ASP A 547 -35.93 -2.55 -2.00
CA ASP A 547 -37.16 -2.48 -1.21
C ASP A 547 -37.69 -1.05 -1.19
N SER A 548 -36.77 -0.09 -1.09
CA SER A 548 -37.16 1.32 -1.18
C SER A 548 -37.76 1.64 -2.54
N ALA A 549 -37.07 1.26 -3.60
CA ALA A 549 -37.56 1.53 -4.96
C ALA A 549 -38.96 0.96 -5.16
N ARG A 550 -39.19 -0.27 -4.70
CA ARG A 550 -40.52 -0.87 -4.84
C ARG A 550 -41.63 -0.12 -4.09
N ALA A 551 -41.28 0.66 -3.07
CA ALA A 551 -42.24 1.50 -2.38
C ALA A 551 -42.43 2.85 -3.08
N THR A 552 -41.57 3.16 -4.05
CA THR A 552 -41.62 4.45 -4.73
C THR A 552 -41.76 4.28 -6.24
N LYS A 553 -42.68 3.41 -6.63
CA LYS A 553 -43.04 3.24 -8.04
C LYS A 553 -41.86 2.76 -8.89
N GLY A 554 -40.91 2.10 -8.25
CA GLY A 554 -39.74 1.58 -8.95
C GLY A 554 -38.65 2.61 -9.24
N ARG A 555 -38.86 3.86 -8.85
CA ARG A 555 -38.00 4.96 -9.29
C ARG A 555 -36.88 5.24 -8.29
N ILE A 556 -35.65 5.22 -8.80
CA ILE A 556 -34.46 5.62 -8.05
C ILE A 556 -33.80 6.81 -8.73
N LEU A 557 -33.40 7.81 -7.93
CA LEU A 557 -32.58 8.91 -8.40
C LEU A 557 -31.33 8.93 -7.53
N THR A 558 -30.16 8.90 -8.15
N THR A 558 -30.15 8.81 -8.14
CA THR A 558 -28.90 8.94 -7.40
CA THR A 558 -28.89 8.94 -7.40
C THR A 558 -28.21 10.27 -7.69
C THR A 558 -28.34 10.34 -7.66
N VAL A 559 -27.75 10.93 -6.63
CA VAL A 559 -27.13 12.25 -6.73
C VAL A 559 -25.83 12.25 -5.96
N GLU A 560 -24.76 12.61 -6.65
CA GLU A 560 -23.42 12.47 -6.05
C GLU A 560 -22.47 13.60 -6.44
N ASP A 561 -21.60 13.94 -5.48
CA ASP A 561 -20.55 14.93 -5.71
C ASP A 561 -19.29 14.16 -6.15
N HIS A 562 -19.34 13.70 -7.40
CA HIS A 562 -18.35 12.81 -8.02
C HIS A 562 -18.69 12.82 -9.50
N TYR A 563 -17.72 12.44 -10.34
CA TYR A 563 -17.98 12.26 -11.75
C TYR A 563 -18.95 11.08 -11.99
N TYR A 564 -19.50 11.00 -13.21
CA TYR A 564 -20.49 9.97 -13.51
C TYR A 564 -19.90 8.58 -13.46
N GLU A 565 -18.68 8.39 -13.94
CA GLU A 565 -18.13 7.06 -14.12
C GLU A 565 -17.56 6.50 -12.83
N GLY A 566 -18.00 5.29 -12.47
CA GLY A 566 -17.42 4.57 -11.37
C GLY A 566 -17.90 4.93 -9.99
N GLY A 567 -18.89 5.82 -9.90
CA GLY A 567 -19.36 6.32 -8.63
C GLY A 567 -20.62 5.64 -8.14
N ILE A 568 -21.37 6.39 -7.34
CA ILE A 568 -22.54 5.85 -6.68
C ILE A 568 -23.63 5.47 -7.71
N GLY A 569 -23.88 6.36 -8.66
CA GLY A 569 -24.89 6.07 -9.68
C GLY A 569 -24.59 4.80 -10.47
N GLU A 570 -23.34 4.62 -10.88
CA GLU A 570 -23.01 3.43 -11.63
C GLU A 570 -23.05 2.19 -10.74
N ALA A 571 -22.64 2.33 -9.49
CA ALA A 571 -22.73 1.19 -8.56
C ALA A 571 -24.18 0.74 -8.39
N VAL A 572 -25.07 1.70 -8.21
CA VAL A 572 -26.49 1.39 -8.04
C VAL A 572 -27.06 0.77 -9.33
N SER A 573 -26.75 1.39 -10.46
CA SER A 573 -27.26 0.89 -11.73
C SER A 573 -26.82 -0.54 -11.97
N SER A 574 -25.55 -0.82 -11.70
N SER A 574 -25.55 -0.82 -11.71
CA SER A 574 -25.04 -2.16 -11.91
CA SER A 574 -25.05 -2.17 -11.95
C SER A 574 -25.66 -3.17 -10.96
C SER A 574 -25.67 -3.17 -10.96
N ALA A 575 -25.96 -2.74 -9.73
CA ALA A 575 -26.64 -3.61 -8.78
C ALA A 575 -28.06 -3.98 -9.16
N VAL A 576 -28.83 -3.04 -9.71
CA VAL A 576 -30.24 -3.30 -9.98
C VAL A 576 -30.65 -3.54 -11.43
N VAL A 577 -29.71 -3.45 -12.37
CA VAL A 577 -30.09 -3.53 -13.78
C VAL A 577 -30.86 -4.82 -14.07
N GLY A 578 -31.96 -4.70 -14.82
CA GLY A 578 -32.82 -5.82 -15.17
C GLY A 578 -33.96 -6.11 -14.22
N GLU A 579 -34.02 -5.47 -13.07
CA GLU A 579 -35.07 -5.77 -12.11
C GLU A 579 -36.37 -5.16 -12.62
N PRO A 580 -37.43 -5.97 -12.74
CA PRO A 580 -38.63 -5.45 -13.38
C PRO A 580 -39.18 -4.20 -12.69
N GLY A 581 -39.51 -3.20 -13.49
CA GLY A 581 -40.15 -2.01 -13.00
C GLY A 581 -39.23 -1.02 -12.34
N ILE A 582 -37.93 -1.36 -12.23
CA ILE A 582 -36.95 -0.47 -11.59
C ILE A 582 -36.32 0.45 -12.64
N THR A 583 -36.27 1.73 -12.33
CA THR A 583 -35.59 2.72 -13.17
C THR A 583 -34.57 3.45 -12.30
N VAL A 584 -33.45 3.86 -12.88
CA VAL A 584 -32.41 4.63 -12.19
C VAL A 584 -32.02 5.83 -13.03
N THR A 585 -32.12 7.01 -12.43
CA THR A 585 -31.76 8.30 -13.03
C THR A 585 -30.60 8.85 -12.21
N HIS A 586 -29.69 9.60 -12.82
N HIS A 586 -29.60 9.44 -12.88
CA HIS A 586 -28.40 9.87 -12.21
CA HIS A 586 -28.40 9.92 -12.20
C HIS A 586 -27.97 11.32 -12.37
C HIS A 586 -28.24 11.41 -12.32
N LEU A 587 -27.76 12.00 -11.23
CA LEU A 587 -27.21 13.35 -11.21
C LEU A 587 -25.78 13.26 -10.66
N ALA A 588 -24.83 13.82 -11.38
CA ALA A 588 -23.43 13.83 -10.96
C ALA A 588 -22.75 15.00 -11.64
N VAL A 589 -21.43 15.12 -11.48
CA VAL A 589 -20.67 16.23 -12.00
C VAL A 589 -20.17 15.84 -13.39
N ASN A 590 -20.50 16.62 -14.42
CA ASN A 590 -20.26 16.19 -15.79
C ASN A 590 -18.95 16.60 -16.44
N ARG A 591 -18.11 17.37 -15.75
CA ARG A 591 -16.90 17.92 -16.36
C ARG A 591 -16.03 18.53 -15.27
N VAL A 592 -14.78 18.86 -15.61
CA VAL A 592 -13.89 19.51 -14.66
C VAL A 592 -14.54 20.78 -14.13
N PRO A 593 -14.61 20.94 -12.81
CA PRO A 593 -15.23 22.15 -12.25
C PRO A 593 -14.31 23.37 -12.22
N ARG A 594 -14.63 24.31 -11.33
CA ARG A 594 -14.06 25.64 -11.33
C ARG A 594 -14.30 26.22 -9.92
N SER A 595 -13.74 27.38 -9.63
CA SER A 595 -13.88 27.99 -8.31
C SER A 595 -15.21 28.72 -8.13
N GLY A 596 -15.74 28.63 -6.91
CA GLY A 596 -16.90 29.40 -6.51
C GLY A 596 -17.23 28.99 -5.09
N LYS A 597 -18.29 29.56 -4.53
CA LYS A 597 -18.75 29.13 -3.22
C LYS A 597 -19.30 27.72 -3.34
N PRO A 598 -19.21 26.94 -2.26
CA PRO A 598 -19.77 25.58 -2.30
C PRO A 598 -21.20 25.50 -2.87
N ALA A 599 -22.10 26.35 -2.41
CA ALA A 599 -23.48 26.26 -2.89
C ALA A 599 -23.61 26.59 -4.37
N GLU A 600 -22.80 27.56 -4.80
CA GLU A 600 -22.78 27.96 -6.20
C GLU A 600 -22.32 26.83 -7.12
N LEU A 601 -21.30 26.10 -6.68
CA LEU A 601 -20.80 24.98 -7.47
C LEU A 601 -21.77 23.80 -7.47
N LEU A 602 -22.41 23.51 -6.32
CA LEU A 602 -23.44 22.46 -6.33
C LEU A 602 -24.54 22.80 -7.31
N LYS A 603 -24.92 24.08 -7.35
CA LYS A 603 -25.88 24.53 -8.36
C LYS A 603 -25.37 24.40 -9.81
N MET A 604 -24.19 24.97 -10.09
CA MET A 604 -23.63 24.97 -11.44
C MET A 604 -23.54 23.56 -12.00
N PHE A 605 -23.14 22.62 -11.15
CA PHE A 605 -22.90 21.24 -11.61
C PHE A 605 -24.08 20.30 -11.39
N GLY A 606 -25.22 20.85 -10.98
CA GLY A 606 -26.47 20.12 -11.10
C GLY A 606 -26.71 19.05 -10.06
N ILE A 607 -26.23 19.28 -8.84
CA ILE A 607 -26.32 18.29 -7.78
C ILE A 607 -26.83 18.88 -6.46
N ASP A 608 -27.46 20.04 -6.53
N ASP A 608 -27.46 20.05 -6.55
CA ASP A 608 -28.04 20.64 -5.34
CA ASP A 608 -28.04 20.71 -5.40
C ASP A 608 -29.54 20.39 -5.26
C ASP A 608 -29.51 20.35 -5.22
N ARG A 609 -30.12 20.93 -4.19
CA ARG A 609 -31.52 20.73 -3.88
C ARG A 609 -32.46 21.04 -5.06
N ASP A 610 -32.19 22.12 -5.77
CA ASP A 610 -33.06 22.50 -6.89
C ASP A 610 -32.92 21.50 -8.07
N ALA A 611 -31.70 21.04 -8.34
CA ALA A 611 -31.51 20.05 -9.41
C ALA A 611 -32.24 18.75 -9.05
N ILE A 612 -32.17 18.37 -7.78
CA ILE A 612 -32.79 17.16 -7.31
C ILE A 612 -34.31 17.28 -7.44
N ALA A 613 -34.85 18.40 -6.96
CA ALA A 613 -36.29 18.61 -7.08
C ALA A 613 -36.77 18.56 -8.54
N GLN A 614 -36.03 19.23 -9.43
CA GLN A 614 -36.42 19.19 -10.84
C GLN A 614 -36.38 17.77 -11.41
N ALA A 615 -35.33 17.02 -11.09
CA ALA A 615 -35.25 15.64 -11.55
C ALA A 615 -36.43 14.80 -11.03
N VAL A 616 -36.77 14.99 -9.76
CA VAL A 616 -37.92 14.28 -9.18
C VAL A 616 -39.22 14.61 -9.92
N ARG A 617 -39.48 15.90 -10.11
N ARG A 617 -39.48 15.90 -10.12
CA ARG A 617 -40.68 16.30 -10.85
CA ARG A 617 -40.68 16.31 -10.85
C ARG A 617 -40.69 15.70 -12.25
C ARG A 617 -40.68 15.67 -12.24
N GLY A 618 -39.54 15.69 -12.90
CA GLY A 618 -39.42 15.09 -14.21
C GLY A 618 -39.76 13.60 -14.22
N LEU A 619 -39.30 12.89 -13.20
CA LEU A 619 -39.66 11.48 -13.07
C LEU A 619 -41.15 11.25 -12.85
N ILE A 620 -41.76 12.08 -12.01
CA ILE A 620 -43.20 11.93 -11.79
C ILE A 620 -44.00 12.16 -13.07
N THR A 621 -43.51 13.02 -13.95
CA THR A 621 -44.18 13.32 -15.22
C THR A 621 -43.41 12.72 -16.39
#